data_3N9M
#
_entry.id   3N9M
#
_cell.length_a   66.004
_cell.length_b   144.515
_cell.length_c   78.413
_cell.angle_alpha   90.00
_cell.angle_beta   106.69
_cell.angle_gamma   90.00
#
_symmetry.space_group_name_H-M   'P 1 21 1'
#
loop_
_entity.id
_entity.type
_entity.pdbx_description
1 polymer 'Putative uncharacterized protein'
2 non-polymer 'FE (II) ION'
3 non-polymer 'ZINC ION'
4 water water
#
_entity_poly.entity_id   1
_entity_poly.type   'polypeptide(L)'
_entity_poly.pdbx_seq_one_letter_code
;EFHMEQKTPKESDRCGGCGKFTHEDDLIALEEEKKKEKEKPLMSKKKSHHHKKNDFQWIGCDSCQTWYHFLCSGLEQFEY
YLYEKFFCPKCVPHTGHSIRYKVVAPHRYRWYSPNEKHLGIEVGSKTWIEDFITRENTVPSPTDDEVCIVEDGYEFRREF
EKLGGADNWGKVFMVKDMDGLNMTMPKPGFDLEDVVKIMGSDYEVDTIDVYNQSTYSMKLDTFRKLFRDTKNRPLLYNFL
SLEFSDNNEMKEIAKPPRFVQEISMVNRLWPDVSGAEYIKLLQREEYLPEDQRPKVEQFCLAGMAGSYTDFHVDFGGSSV
YYHILKGEKIFYIAAPTEQNFAAYQAHETSPDTTTWFGDIANGAVKRVVIKEGQTLLIPAGWIHAVLTPVDSLVFGGNFL
HLGNLEMQMRVYHLENAIRKEIRSEEKFYFPNFELLHWMYMRNVLLEKITEANQEGSDMREQEKNIWTASQIMKAEMERW
MDRELRLGPEKNAILPTDDKNKIMISVRKQIEIQTKIQNAKNKPMGLK
;
_entity_poly.pdbx_strand_id   A,C
#
loop_
_chem_comp.id
_chem_comp.type
_chem_comp.name
_chem_comp.formula
FE2 non-polymer 'FE (II) ION' 'Fe 2'
ZN non-polymer 'ZINC ION' 'Zn 2'
#
# COMPACT_ATOMS: atom_id res chain seq x y z
N LYS A 10 -48.31 18.64 -4.49
CA LYS A 10 -48.64 19.27 -3.21
C LYS A 10 -50.15 19.26 -2.94
N GLU A 11 -50.51 19.01 -1.69
CA GLU A 11 -51.91 19.06 -1.21
C GLU A 11 -52.70 17.76 -1.32
N SER A 12 -54.01 17.89 -1.21
CA SER A 12 -54.94 16.76 -1.31
C SER A 12 -55.12 16.26 -2.75
N ASP A 13 -55.18 17.22 -3.68
CA ASP A 13 -55.40 16.94 -5.11
C ASP A 13 -54.83 15.61 -5.62
N ARG A 14 -55.42 15.11 -6.70
CA ARG A 14 -55.11 13.77 -7.20
C ARG A 14 -54.13 13.78 -8.37
N CYS A 15 -53.67 12.58 -8.74
CA CYS A 15 -52.75 12.40 -9.85
C CYS A 15 -53.49 12.18 -11.16
N GLY A 16 -53.15 12.96 -12.18
CA GLY A 16 -53.76 12.82 -13.49
C GLY A 16 -53.39 11.49 -14.13
N GLY A 17 -52.35 10.86 -13.59
CA GLY A 17 -51.88 9.59 -14.10
C GLY A 17 -52.61 8.41 -13.49
N CYS A 18 -52.28 8.09 -12.25
CA CYS A 18 -52.84 6.92 -11.58
C CYS A 18 -54.08 7.23 -10.75
N GLY A 19 -54.54 8.48 -10.80
CA GLY A 19 -55.75 8.88 -10.11
C GLY A 19 -55.67 8.84 -8.59
N LYS A 20 -54.54 8.38 -8.07
CA LYS A 20 -54.34 8.30 -6.63
C LYS A 20 -54.10 9.66 -6.00
N PHE A 21 -54.79 9.93 -4.89
CA PHE A 21 -54.47 11.07 -4.05
C PHE A 21 -53.21 10.69 -3.28
N THR A 22 -52.47 11.69 -2.80
CA THR A 22 -51.21 11.44 -2.12
C THR A 22 -51.33 10.45 -0.95
N HIS A 23 -51.20 9.15 -1.23
CA HIS A 23 -51.17 8.15 -0.16
C HIS A 23 -49.92 8.41 0.72
N GLU A 24 -48.76 7.78 0.47
CA GLU A 24 -48.56 6.61 -0.39
C GLU A 24 -47.56 5.70 0.32
N ASP A 25 -46.39 6.26 0.62
CA ASP A 25 -45.31 5.54 1.28
C ASP A 25 -45.21 4.12 0.75
N ASP A 26 -44.63 3.97 -0.43
CA ASP A 26 -44.64 2.69 -1.14
C ASP A 26 -43.35 1.90 -1.03
N LEU A 27 -43.34 0.93 -0.12
CA LEU A 27 -42.32 -0.12 -0.13
C LEU A 27 -42.95 -1.39 -0.68
N ILE A 28 -43.32 -1.35 -1.95
CA ILE A 28 -43.99 -2.46 -2.60
C ILE A 28 -43.02 -3.31 -3.42
N LYS A 40 -33.98 -10.65 -7.49
CA LYS A 40 -32.60 -10.95 -7.85
C LYS A 40 -31.75 -9.68 -7.90
N PRO A 41 -30.46 -9.80 -7.58
CA PRO A 41 -29.51 -8.68 -7.56
C PRO A 41 -29.05 -8.24 -8.96
N LEU A 42 -28.36 -7.11 -9.03
CA LEU A 42 -27.76 -6.63 -10.27
C LEU A 42 -26.49 -7.41 -10.62
N MET A 43 -26.45 -7.97 -11.82
CA MET A 43 -25.27 -8.68 -12.30
C MET A 43 -24.57 -7.92 -13.41
N SER A 44 -25.06 -6.71 -13.71
CA SER A 44 -24.46 -5.87 -14.75
C SER A 44 -24.41 -4.39 -14.34
N LYS A 45 -23.57 -3.62 -15.02
CA LYS A 45 -23.34 -2.21 -14.70
C LYS A 45 -24.61 -1.35 -14.81
N LYS A 46 -25.14 -0.97 -13.66
CA LYS A 46 -26.36 -0.15 -13.60
C LYS A 46 -26.28 0.88 -12.48
N LYS A 47 -26.76 2.09 -12.75
CA LYS A 47 -26.67 3.18 -11.78
C LYS A 47 -27.91 4.08 -11.78
N SER A 48 -28.83 3.83 -12.71
CA SER A 48 -30.01 4.69 -12.85
C SER A 48 -31.14 4.27 -11.91
N HIS A 49 -31.08 3.05 -11.41
CA HIS A 49 -32.14 2.51 -10.54
C HIS A 49 -32.12 3.17 -9.16
N HIS A 50 -31.23 4.13 -8.97
CA HIS A 50 -31.06 4.77 -7.66
C HIS A 50 -32.07 5.88 -7.40
N HIS A 51 -32.14 6.86 -8.31
CA HIS A 51 -33.12 7.93 -8.14
C HIS A 51 -34.51 7.55 -8.67
N LYS A 52 -34.93 6.33 -8.36
CA LYS A 52 -36.33 5.94 -8.49
C LYS A 52 -37.07 6.54 -7.32
N LYS A 53 -36.33 7.24 -6.46
CA LYS A 53 -36.88 7.94 -5.31
C LYS A 53 -37.49 9.27 -5.74
N ASN A 54 -37.54 9.49 -7.05
CA ASN A 54 -38.16 10.70 -7.60
C ASN A 54 -39.37 10.35 -8.45
N ASP A 55 -39.48 9.08 -8.83
CA ASP A 55 -40.56 8.63 -9.70
C ASP A 55 -41.94 8.98 -9.14
N PHE A 56 -42.03 9.05 -7.82
CA PHE A 56 -43.28 9.41 -7.16
C PHE A 56 -43.09 10.70 -6.36
N GLN A 57 -42.73 11.78 -7.05
CA GLN A 57 -42.38 13.02 -6.35
C GLN A 57 -43.09 14.26 -6.90
N TRP A 58 -44.13 14.03 -7.69
CA TRP A 58 -45.06 15.10 -8.10
C TRP A 58 -44.47 16.29 -8.86
N ILE A 59 -44.92 16.44 -10.10
CA ILE A 59 -44.69 17.63 -10.90
C ILE A 59 -46.05 18.14 -11.35
N GLY A 60 -46.18 19.43 -11.59
CA GLY A 60 -47.46 20.00 -11.98
C GLY A 60 -47.45 20.62 -13.36
N CYS A 61 -48.54 20.43 -14.10
CA CYS A 61 -48.67 21.03 -15.41
C CYS A 61 -48.95 22.53 -15.30
N ASP A 62 -48.05 23.32 -15.86
CA ASP A 62 -48.16 24.77 -15.82
C ASP A 62 -49.41 25.27 -16.55
N SER A 63 -50.09 24.38 -17.27
CA SER A 63 -51.26 24.78 -18.04
C SER A 63 -52.57 24.37 -17.38
N CYS A 64 -52.89 23.08 -17.41
CA CYS A 64 -54.14 22.60 -16.85
C CYS A 64 -54.07 22.41 -15.33
N GLN A 65 -52.92 22.73 -14.75
CA GLN A 65 -52.75 22.68 -13.30
C GLN A 65 -52.93 21.30 -12.68
N THR A 66 -53.10 20.27 -13.50
CA THR A 66 -53.20 18.90 -12.97
C THR A 66 -51.84 18.46 -12.45
N TRP A 67 -51.84 17.77 -11.31
CA TRP A 67 -50.61 17.26 -10.74
C TRP A 67 -50.37 15.81 -11.18
N TYR A 68 -49.13 15.47 -11.47
CA TYR A 68 -48.76 14.12 -11.83
C TYR A 68 -47.64 13.62 -10.93
N HIS A 69 -47.53 12.30 -10.78
CA HIS A 69 -46.48 11.73 -9.94
C HIS A 69 -45.15 12.18 -10.52
N PHE A 70 -44.89 11.76 -11.76
CA PHE A 70 -43.60 11.86 -12.46
C PHE A 70 -43.70 10.69 -13.41
N LEU A 71 -43.58 9.49 -12.86
CA LEU A 71 -43.79 8.30 -13.67
C LEU A 71 -45.05 8.51 -14.49
N CYS A 72 -46.08 9.06 -13.85
CA CYS A 72 -47.39 9.17 -14.44
C CYS A 72 -47.52 10.36 -15.40
N SER A 73 -46.46 11.14 -15.53
CA SER A 73 -46.51 12.39 -16.31
C SER A 73 -46.13 12.23 -17.78
N GLY A 74 -45.65 11.06 -18.16
CA GLY A 74 -45.18 10.84 -19.53
C GLY A 74 -43.73 11.24 -19.67
N LEU A 75 -43.15 11.72 -18.58
CA LEU A 75 -41.73 12.05 -18.54
C LEU A 75 -40.90 10.79 -18.37
N GLU A 76 -39.70 10.81 -18.92
CA GLU A 76 -38.73 9.75 -18.68
C GLU A 76 -37.75 10.21 -17.61
N GLN A 77 -37.14 9.25 -16.92
CA GLN A 77 -36.28 9.54 -15.78
C GLN A 77 -35.29 10.68 -16.03
N PHE A 78 -34.74 10.73 -17.25
CA PHE A 78 -33.68 11.69 -17.55
C PHE A 78 -34.18 13.12 -17.74
N GLU A 79 -35.49 13.27 -17.92
CA GLU A 79 -36.05 14.61 -18.11
C GLU A 79 -36.75 15.18 -16.86
N TYR A 80 -36.77 14.39 -15.79
CA TYR A 80 -37.36 14.82 -14.52
C TYR A 80 -36.92 16.22 -14.10
N TYR A 81 -35.61 16.50 -14.22
CA TYR A 81 -35.03 17.73 -13.70
C TYR A 81 -34.81 18.80 -14.77
N LEU A 82 -35.17 18.49 -16.01
CA LEU A 82 -34.86 19.39 -17.12
C LEU A 82 -35.79 20.60 -17.21
N TYR A 83 -37.06 20.41 -16.87
CA TYR A 83 -38.09 21.39 -17.17
C TYR A 83 -38.44 22.37 -16.05
N GLU A 84 -38.51 23.65 -16.40
CA GLU A 84 -38.96 24.69 -15.49
C GLU A 84 -40.47 24.86 -15.65
N LYS A 85 -40.92 24.95 -16.90
CA LYS A 85 -42.35 24.96 -17.22
C LYS A 85 -42.74 23.62 -17.82
N PHE A 86 -43.56 22.86 -17.12
CA PHE A 86 -43.96 21.52 -17.59
C PHE A 86 -45.36 21.51 -18.21
N PHE A 87 -45.45 20.94 -19.41
CA PHE A 87 -46.74 20.78 -20.07
C PHE A 87 -47.01 19.30 -20.29
N CYS A 88 -48.02 18.77 -19.59
CA CYS A 88 -48.35 17.36 -19.69
C CYS A 88 -48.84 16.99 -21.09
N PRO A 89 -48.85 15.70 -21.42
CA PRO A 89 -49.27 15.19 -22.73
C PRO A 89 -50.56 15.86 -23.25
N LYS A 90 -51.57 15.95 -22.39
CA LYS A 90 -52.87 16.47 -22.81
C LYS A 90 -52.87 17.97 -23.11
N CYS A 91 -51.76 18.63 -22.80
CA CYS A 91 -51.66 20.08 -23.01
C CYS A 91 -50.67 20.45 -24.10
N VAL A 92 -49.67 19.59 -24.30
CA VAL A 92 -48.63 19.81 -25.30
C VAL A 92 -49.15 20.32 -26.66
N PRO A 93 -50.19 19.67 -27.20
CA PRO A 93 -50.76 20.07 -28.49
C PRO A 93 -50.93 21.59 -28.67
N HIS A 94 -51.41 22.29 -27.64
CA HIS A 94 -51.70 23.71 -27.77
C HIS A 94 -50.76 24.62 -26.98
N THR A 95 -49.94 24.03 -26.11
CA THR A 95 -49.03 24.80 -25.28
C THR A 95 -47.62 24.81 -25.87
N GLY A 96 -47.30 23.78 -26.64
CA GLY A 96 -45.96 23.57 -27.12
C GLY A 96 -45.25 22.58 -26.21
N HIS A 97 -43.97 22.35 -26.46
CA HIS A 97 -43.21 21.44 -25.63
C HIS A 97 -42.71 22.17 -24.39
N SER A 98 -42.57 21.44 -23.29
CA SER A 98 -42.15 22.02 -22.02
C SER A 98 -40.89 22.87 -22.18
N ILE A 99 -40.78 23.92 -21.36
CA ILE A 99 -39.63 24.81 -21.41
C ILE A 99 -38.58 24.38 -20.39
N ARG A 100 -37.34 24.23 -20.87
CA ARG A 100 -36.26 23.76 -20.02
C ARG A 100 -35.66 24.91 -19.24
N TYR A 101 -34.94 24.59 -18.17
CA TYR A 101 -34.24 25.60 -17.39
C TYR A 101 -33.24 26.32 -18.29
N LYS A 102 -33.05 27.60 -18.03
CA LYS A 102 -32.00 28.35 -18.72
C LYS A 102 -30.64 27.84 -18.26
N VAL A 103 -29.69 27.80 -19.19
CA VAL A 103 -28.35 27.35 -18.86
C VAL A 103 -27.58 28.47 -18.21
N VAL A 104 -27.67 28.54 -16.88
CA VAL A 104 -27.12 29.65 -16.11
C VAL A 104 -25.66 29.45 -15.71
N ALA A 105 -25.27 28.21 -15.44
CA ALA A 105 -23.90 27.90 -15.01
C ALA A 105 -23.32 26.70 -15.76
N PRO A 106 -22.89 26.92 -17.01
CA PRO A 106 -22.41 25.85 -17.89
C PRO A 106 -21.20 25.12 -17.29
N HIS A 107 -20.55 25.76 -16.33
CA HIS A 107 -19.33 25.23 -15.74
C HIS A 107 -19.63 24.42 -14.48
N ARG A 108 -20.90 24.20 -14.22
CA ARG A 108 -21.32 23.48 -13.02
C ARG A 108 -22.27 22.34 -13.38
N TYR A 109 -22.21 21.26 -12.61
CA TYR A 109 -23.09 20.13 -12.82
C TYR A 109 -24.55 20.55 -12.74
N ARG A 110 -24.85 21.41 -11.76
CA ARG A 110 -26.19 21.96 -11.64
C ARG A 110 -26.29 23.22 -12.50
N TRP A 111 -26.23 23.00 -13.81
CA TRP A 111 -26.16 24.10 -14.79
C TRP A 111 -27.37 25.03 -14.73
N TYR A 112 -28.44 24.57 -14.07
CA TYR A 112 -29.68 25.32 -14.01
C TYR A 112 -29.70 26.36 -12.88
N SER A 113 -28.91 26.12 -11.83
CA SER A 113 -28.95 26.95 -10.64
C SER A 113 -28.04 28.16 -10.70
N PRO A 114 -28.61 29.36 -10.52
CA PRO A 114 -27.89 30.64 -10.50
C PRO A 114 -27.03 30.80 -9.25
N ASN A 115 -27.43 30.15 -8.16
CA ASN A 115 -26.68 30.21 -6.90
C ASN A 115 -25.29 29.60 -7.01
N GLU A 116 -25.02 28.93 -8.12
CA GLU A 116 -23.74 28.26 -8.33
C GLU A 116 -22.93 28.91 -9.45
N LYS A 117 -23.47 29.95 -10.06
CA LYS A 117 -22.82 30.62 -11.18
C LYS A 117 -21.45 31.17 -10.82
N HIS A 118 -21.21 31.36 -9.52
CA HIS A 118 -19.97 31.99 -9.07
C HIS A 118 -18.91 30.98 -8.64
N LEU A 119 -19.32 29.71 -8.53
CA LEU A 119 -18.43 28.65 -8.08
C LEU A 119 -17.48 28.16 -9.17
N GLY A 120 -16.50 27.36 -8.79
CA GLY A 120 -15.46 26.90 -9.69
C GLY A 120 -15.92 25.95 -10.78
N ILE A 121 -15.13 25.88 -11.84
CA ILE A 121 -15.43 25.03 -12.99
C ILE A 121 -15.24 23.57 -12.65
N GLU A 122 -16.32 22.79 -12.82
CA GLU A 122 -16.30 21.38 -12.43
C GLU A 122 -15.86 20.48 -13.57
N VAL A 123 -15.10 19.44 -13.23
CA VAL A 123 -14.41 18.61 -14.21
C VAL A 123 -15.28 18.01 -15.32
N GLY A 124 -16.53 17.69 -15.02
CA GLY A 124 -17.39 17.08 -16.03
C GLY A 124 -18.11 18.06 -16.95
N SER A 125 -18.26 19.29 -16.48
CA SER A 125 -19.15 20.28 -17.09
C SER A 125 -18.82 20.63 -18.54
N LYS A 126 -19.79 21.22 -19.23
CA LYS A 126 -19.60 21.63 -20.61
C LYS A 126 -18.41 22.57 -20.76
N THR A 127 -18.38 23.61 -19.92
CA THR A 127 -17.32 24.59 -19.99
C THR A 127 -15.97 23.93 -19.86
N TRP A 128 -15.83 23.06 -18.86
CA TRP A 128 -14.58 22.36 -18.62
C TRP A 128 -14.13 21.53 -19.82
N ILE A 129 -15.06 20.78 -20.39
CA ILE A 129 -14.73 19.91 -21.51
C ILE A 129 -14.22 20.70 -22.70
N GLU A 130 -14.99 21.71 -23.10
CA GLU A 130 -14.63 22.54 -24.24
C GLU A 130 -13.19 23.06 -24.13
N ASP A 131 -12.87 23.61 -22.97
CA ASP A 131 -11.53 24.11 -22.70
C ASP A 131 -10.51 22.98 -22.72
N PHE A 132 -10.87 21.85 -22.12
CA PHE A 132 -10.00 20.69 -22.05
C PHE A 132 -9.61 20.19 -23.44
N ILE A 133 -10.52 20.34 -24.39
CA ILE A 133 -10.27 19.93 -25.76
C ILE A 133 -9.16 20.77 -26.41
N THR A 134 -9.02 22.01 -25.96
CA THR A 134 -7.99 22.90 -26.52
C THR A 134 -6.60 22.56 -26.00
N ARG A 135 -6.51 21.86 -24.87
CA ARG A 135 -5.22 21.61 -24.23
C ARG A 135 -4.88 20.12 -24.05
N GLU A 136 -5.84 19.24 -24.33
CA GLU A 136 -5.65 17.81 -24.08
C GLU A 136 -4.50 17.22 -24.88
N ASN A 137 -4.23 17.78 -26.05
CA ASN A 137 -3.22 17.22 -26.96
C ASN A 137 -1.81 17.35 -26.40
N THR A 138 -1.67 18.00 -25.25
CA THR A 138 -0.36 18.19 -24.64
C THR A 138 -0.07 17.14 -23.55
N VAL A 139 -0.98 16.18 -23.40
CA VAL A 139 -0.74 15.06 -22.50
C VAL A 139 0.23 14.11 -23.20
N PRO A 140 1.35 13.81 -22.54
CA PRO A 140 2.44 13.00 -23.10
C PRO A 140 2.00 11.68 -23.72
N SER A 141 2.74 11.20 -24.72
CA SER A 141 2.54 9.88 -25.26
C SER A 141 3.12 8.85 -24.30
N PRO A 142 2.56 7.63 -24.32
CA PRO A 142 3.04 6.60 -23.38
C PRO A 142 4.35 6.02 -23.84
N THR A 143 5.10 5.43 -22.91
CA THR A 143 6.33 4.74 -23.27
C THR A 143 5.97 3.40 -23.88
N ASP A 144 6.93 2.75 -24.51
CA ASP A 144 6.68 1.48 -25.16
C ASP A 144 6.49 0.37 -24.13
N ASP A 145 6.77 0.69 -22.87
CA ASP A 145 6.55 -0.24 -21.76
C ASP A 145 5.10 -0.19 -21.26
N GLU A 146 4.46 0.96 -21.44
CA GLU A 146 3.07 1.12 -21.03
C GLU A 146 2.11 0.61 -22.11
N VAL A 147 2.35 1.00 -23.36
CA VAL A 147 1.51 0.51 -24.45
C VAL A 147 2.28 0.02 -25.68
N CYS A 148 1.69 -0.98 -26.32
CA CYS A 148 2.26 -1.61 -27.49
C CYS A 148 1.26 -1.48 -28.63
N ILE A 149 1.70 -0.92 -29.74
CA ILE A 149 0.84 -0.74 -30.90
C ILE A 149 1.21 -1.75 -31.98
N VAL A 150 0.27 -2.63 -32.32
CA VAL A 150 0.50 -3.61 -33.38
C VAL A 150 -0.48 -3.43 -34.52
N GLU A 151 -0.13 -3.97 -35.68
CA GLU A 151 -0.91 -3.77 -36.90
C GLU A 151 -2.18 -4.63 -36.93
N ASP A 152 -2.06 -5.89 -36.53
CA ASP A 152 -3.22 -6.79 -36.54
C ASP A 152 -3.16 -7.80 -35.41
N GLY A 153 -4.21 -8.61 -35.29
CA GLY A 153 -4.30 -9.59 -34.23
C GLY A 153 -3.19 -10.63 -34.24
N TYR A 154 -2.52 -10.76 -35.39
CA TYR A 154 -1.43 -11.72 -35.54
C TYR A 154 -0.19 -11.20 -34.84
N GLU A 155 0.06 -9.91 -34.99
CA GLU A 155 1.18 -9.28 -34.32
C GLU A 155 0.91 -9.22 -32.82
N PHE A 156 -0.35 -9.03 -32.45
CA PHE A 156 -0.71 -9.02 -31.05
C PHE A 156 -0.41 -10.36 -30.40
N ARG A 157 -0.85 -11.43 -31.05
CA ARG A 157 -0.64 -12.76 -30.50
C ARG A 157 0.84 -13.05 -30.34
N ARG A 158 1.63 -12.51 -31.26
CA ARG A 158 3.07 -12.75 -31.28
C ARG A 158 3.81 -11.99 -30.17
N GLU A 159 3.44 -10.72 -30.00
CA GLU A 159 4.05 -9.86 -28.98
C GLU A 159 3.53 -10.21 -27.59
N PHE A 160 2.22 -10.46 -27.49
CA PHE A 160 1.59 -10.87 -26.26
C PHE A 160 2.30 -12.11 -25.72
N GLU A 161 2.59 -13.05 -26.61
CA GLU A 161 3.22 -14.31 -26.24
C GLU A 161 4.70 -14.11 -25.90
N LYS A 162 5.33 -13.14 -26.54
CA LYS A 162 6.74 -12.87 -26.36
C LYS A 162 7.04 -12.12 -25.05
N LEU A 163 5.98 -11.75 -24.33
CA LEU A 163 6.12 -11.06 -23.06
C LEU A 163 5.67 -11.95 -21.90
N GLY A 164 5.37 -13.20 -22.21
CA GLY A 164 4.96 -14.15 -21.20
C GLY A 164 3.50 -14.56 -21.31
N GLY A 165 2.80 -13.98 -22.28
CA GLY A 165 1.40 -14.31 -22.48
C GLY A 165 0.51 -13.75 -21.39
N ALA A 166 -0.66 -14.38 -21.21
CA ALA A 166 -1.65 -13.90 -20.27
C ALA A 166 -1.18 -13.91 -18.81
N ASP A 167 -0.41 -14.93 -18.43
CA ASP A 167 0.10 -15.01 -17.07
C ASP A 167 0.96 -13.80 -16.69
N ASN A 168 1.52 -13.12 -17.70
CA ASN A 168 2.40 -11.99 -17.45
C ASN A 168 1.95 -10.72 -18.14
N TRP A 169 0.64 -10.59 -18.36
CA TRP A 169 0.10 -9.44 -19.07
C TRP A 169 0.09 -8.19 -18.20
N GLY A 170 0.88 -7.18 -18.60
CA GLY A 170 1.03 -5.98 -17.81
C GLY A 170 0.84 -4.65 -18.53
N LYS A 171 1.09 -4.64 -19.84
CA LYS A 171 0.92 -3.42 -20.63
C LYS A 171 -0.34 -3.48 -21.49
N VAL A 172 -0.83 -2.30 -21.88
CA VAL A 172 -2.00 -2.26 -22.75
C VAL A 172 -1.56 -2.38 -24.21
N PHE A 173 -2.35 -3.10 -25.00
CA PHE A 173 -2.07 -3.23 -26.43
C PHE A 173 -3.13 -2.49 -27.22
N MET A 174 -2.73 -1.83 -28.30
CA MET A 174 -3.68 -1.29 -29.26
C MET A 174 -3.48 -2.00 -30.59
N VAL A 175 -4.54 -2.66 -31.06
CA VAL A 175 -4.50 -3.40 -32.31
C VAL A 175 -5.27 -2.65 -33.38
N LYS A 176 -4.57 -2.25 -34.45
CA LYS A 176 -5.15 -1.42 -35.50
C LYS A 176 -6.19 -2.15 -36.36
N ASP A 177 -5.85 -3.35 -36.80
CA ASP A 177 -6.73 -4.17 -37.64
C ASP A 177 -7.16 -5.39 -36.83
N MET A 178 -8.46 -5.66 -36.76
CA MET A 178 -8.95 -6.76 -35.93
C MET A 178 -8.73 -8.15 -36.55
N ASP A 179 -8.15 -8.19 -37.74
CA ASP A 179 -7.89 -9.46 -38.40
C ASP A 179 -6.85 -10.27 -37.62
N GLY A 180 -7.25 -11.44 -37.13
CA GLY A 180 -6.34 -12.30 -36.39
C GLY A 180 -6.69 -12.39 -34.91
N LEU A 181 -7.39 -11.39 -34.39
CA LEU A 181 -7.79 -11.41 -32.99
C LEU A 181 -8.83 -12.49 -32.75
N ASN A 182 -9.40 -13.02 -33.83
CA ASN A 182 -10.44 -14.01 -33.72
C ASN A 182 -11.57 -13.47 -32.86
N MET A 183 -11.93 -12.23 -33.13
CA MET A 183 -12.92 -11.50 -32.35
C MET A 183 -14.12 -11.20 -33.23
N THR A 184 -15.25 -11.83 -32.92
CA THR A 184 -16.46 -11.67 -33.71
C THR A 184 -17.04 -10.27 -33.52
N MET A 185 -17.10 -9.52 -34.62
CA MET A 185 -17.67 -8.16 -34.60
C MET A 185 -18.53 -7.90 -35.83
N PRO A 186 -19.66 -7.20 -35.64
CA PRO A 186 -20.51 -6.75 -36.74
C PRO A 186 -19.69 -6.11 -37.85
N LYS A 187 -20.23 -6.09 -39.06
CA LYS A 187 -19.52 -5.51 -40.19
C LYS A 187 -19.69 -4.00 -40.19
N PRO A 188 -18.66 -3.27 -40.62
CA PRO A 188 -18.77 -1.80 -40.71
C PRO A 188 -20.08 -1.40 -41.39
N GLY A 189 -20.57 -0.22 -41.06
CA GLY A 189 -21.89 0.20 -41.50
C GLY A 189 -22.91 -0.11 -40.42
N PHE A 190 -22.65 -1.18 -39.66
CA PHE A 190 -23.46 -1.49 -38.49
C PHE A 190 -23.48 -0.26 -37.59
N ASP A 191 -24.64 0.07 -37.05
CA ASP A 191 -24.80 1.32 -36.32
C ASP A 191 -25.92 1.26 -35.29
N LEU A 192 -26.18 2.42 -34.68
CA LEU A 192 -27.19 2.54 -33.64
C LEU A 192 -28.53 1.97 -34.08
N GLU A 193 -28.89 2.22 -35.33
CA GLU A 193 -30.17 1.75 -35.89
C GLU A 193 -30.33 0.25 -35.70
N ASP A 194 -29.31 -0.52 -36.09
CA ASP A 194 -29.33 -1.97 -35.94
C ASP A 194 -29.46 -2.37 -34.48
N VAL A 195 -28.81 -1.61 -33.61
CA VAL A 195 -28.85 -1.87 -32.17
C VAL A 195 -30.27 -1.78 -31.64
N VAL A 196 -30.96 -0.68 -31.96
CA VAL A 196 -32.33 -0.48 -31.48
C VAL A 196 -33.32 -1.47 -32.13
N LYS A 197 -33.04 -1.87 -33.37
CA LYS A 197 -33.85 -2.87 -34.04
C LYS A 197 -33.79 -4.21 -33.31
N ILE A 198 -32.61 -4.53 -32.79
CA ILE A 198 -32.39 -5.82 -32.13
C ILE A 198 -32.89 -5.84 -30.68
N MET A 199 -32.54 -4.81 -29.93
CA MET A 199 -32.89 -4.74 -28.51
C MET A 199 -34.33 -4.27 -28.30
N GLY A 200 -34.86 -3.54 -29.28
CA GLY A 200 -36.20 -2.99 -29.17
C GLY A 200 -36.16 -1.49 -28.94
N SER A 201 -37.27 -0.82 -29.25
CA SER A 201 -37.35 0.64 -29.10
C SER A 201 -37.67 1.06 -27.67
N ASP A 202 -38.32 0.17 -26.94
CA ASP A 202 -38.75 0.47 -25.58
C ASP A 202 -37.75 -0.06 -24.53
N TYR A 203 -36.66 -0.63 -25.01
CA TYR A 203 -35.60 -1.09 -24.13
C TYR A 203 -34.98 0.10 -23.42
N GLU A 204 -35.05 0.13 -22.10
CA GLU A 204 -34.47 1.22 -21.35
C GLU A 204 -33.00 0.97 -21.01
N VAL A 205 -32.16 1.93 -21.33
CA VAL A 205 -30.73 1.81 -21.05
C VAL A 205 -30.27 2.93 -20.12
N ASP A 206 -29.36 2.60 -19.21
CA ASP A 206 -28.75 3.61 -18.36
C ASP A 206 -27.95 4.56 -19.21
N THR A 207 -28.27 5.84 -19.11
CA THR A 207 -27.57 6.85 -19.89
C THR A 207 -26.89 7.86 -18.97
N ILE A 208 -25.66 8.20 -19.32
CA ILE A 208 -24.91 9.21 -18.60
C ILE A 208 -25.22 10.59 -19.16
N ASP A 209 -25.72 11.47 -18.29
CA ASP A 209 -25.87 12.87 -18.63
C ASP A 209 -24.51 13.52 -18.36
N VAL A 210 -23.69 13.61 -19.40
CA VAL A 210 -22.31 14.05 -19.26
C VAL A 210 -22.13 15.35 -18.48
N TYR A 211 -22.88 16.38 -18.85
CA TYR A 211 -22.72 17.69 -18.25
C TYR A 211 -23.18 17.74 -16.79
N ASN A 212 -24.02 16.78 -16.44
CA ASN A 212 -24.61 16.71 -15.10
C ASN A 212 -23.93 15.62 -14.27
N GLN A 213 -22.93 14.98 -14.85
CA GLN A 213 -22.26 13.83 -14.23
C GLN A 213 -23.21 12.96 -13.42
N SER A 214 -24.29 12.54 -14.05
CA SER A 214 -25.28 11.65 -13.42
C SER A 214 -25.88 10.69 -14.43
N THR A 215 -26.47 9.60 -13.94
CA THR A 215 -26.98 8.54 -14.81
C THR A 215 -28.49 8.41 -14.71
N TYR A 216 -29.16 8.38 -15.87
CA TYR A 216 -30.61 8.29 -15.90
C TYR A 216 -31.12 7.20 -16.84
N SER A 217 -32.40 6.86 -16.70
CA SER A 217 -33.06 5.96 -17.63
C SER A 217 -33.46 6.69 -18.90
N MET A 218 -33.58 5.93 -19.99
CA MET A 218 -33.97 6.48 -21.27
C MET A 218 -34.31 5.36 -22.23
N LYS A 219 -35.46 5.45 -22.87
CA LYS A 219 -35.82 4.48 -23.90
C LYS A 219 -34.72 4.48 -24.95
N LEU A 220 -34.45 3.29 -25.51
CA LEU A 220 -33.40 3.16 -26.51
C LEU A 220 -33.76 3.99 -27.73
N ASP A 221 -35.06 4.08 -28.01
CA ASP A 221 -35.57 4.87 -29.12
C ASP A 221 -35.31 6.35 -28.89
N THR A 222 -35.66 6.82 -27.69
CA THR A 222 -35.42 8.21 -27.32
C THR A 222 -33.96 8.57 -27.54
N PHE A 223 -33.06 7.69 -27.09
CA PHE A 223 -31.64 7.92 -27.27
C PHE A 223 -31.30 8.10 -28.75
N ARG A 224 -31.76 7.16 -29.57
CA ARG A 224 -31.53 7.21 -31.00
C ARG A 224 -32.00 8.55 -31.55
N LYS A 225 -33.19 8.94 -31.12
CA LYS A 225 -33.76 10.23 -31.51
C LYS A 225 -32.76 11.34 -31.23
N LEU A 226 -32.28 11.42 -29.99
CA LEU A 226 -31.34 12.48 -29.59
C LEU A 226 -30.00 12.36 -30.30
N PHE A 227 -29.57 11.13 -30.51
CA PHE A 227 -28.29 10.87 -31.16
C PHE A 227 -28.28 11.38 -32.60
N ARG A 228 -29.40 11.17 -33.30
CA ARG A 228 -29.49 11.58 -34.70
C ARG A 228 -29.61 13.09 -34.89
N ASP A 229 -30.23 13.77 -33.93
CA ASP A 229 -30.23 15.23 -33.95
C ASP A 229 -28.82 15.74 -33.68
N THR A 230 -28.16 16.17 -34.75
CA THR A 230 -26.74 16.52 -34.71
C THR A 230 -26.49 17.99 -34.39
N LYS A 231 -27.40 18.85 -34.83
CA LYS A 231 -27.19 20.29 -34.71
C LYS A 231 -27.63 20.84 -33.36
N ASN A 232 -28.62 20.18 -32.74
CA ASN A 232 -29.14 20.65 -31.46
C ASN A 232 -28.97 19.65 -30.32
N ARG A 233 -27.90 19.82 -29.57
CA ARG A 233 -27.58 18.94 -28.45
C ARG A 233 -27.29 19.76 -27.18
N PRO A 234 -28.34 20.20 -26.49
CA PRO A 234 -28.20 20.95 -25.25
C PRO A 234 -27.41 20.14 -24.21
N LEU A 235 -27.80 18.88 -24.04
CA LEU A 235 -27.05 17.96 -23.20
C LEU A 235 -26.37 16.89 -24.04
N LEU A 236 -25.33 16.28 -23.50
CA LEU A 236 -24.65 15.17 -24.13
C LEU A 236 -25.02 13.87 -23.44
N TYR A 237 -25.24 12.81 -24.22
CA TYR A 237 -25.66 11.53 -23.67
C TYR A 237 -24.86 10.34 -24.21
N ASN A 238 -24.20 9.62 -23.32
CA ASN A 238 -23.56 8.35 -23.64
C ASN A 238 -24.22 7.31 -22.76
N PHE A 239 -24.34 6.06 -23.20
CA PHE A 239 -24.87 5.09 -22.25
C PHE A 239 -23.86 4.25 -21.45
N LEU A 240 -24.19 4.11 -20.18
CA LEU A 240 -23.37 3.45 -19.18
C LEU A 240 -22.79 2.14 -19.70
N SER A 241 -23.67 1.14 -19.84
CA SER A 241 -23.25 -0.21 -20.15
C SER A 241 -23.97 -0.80 -21.36
N LEU A 242 -25.21 -1.23 -21.16
CA LEU A 242 -25.93 -1.96 -22.21
C LEU A 242 -25.26 -3.30 -22.48
N GLU A 243 -25.41 -4.21 -21.52
CA GLU A 243 -24.81 -5.53 -21.60
C GLU A 243 -25.80 -6.47 -22.29
N PHE A 244 -25.35 -7.10 -23.37
CA PHE A 244 -26.25 -7.84 -24.26
C PHE A 244 -25.99 -9.34 -24.33
N SER A 245 -25.43 -9.92 -23.27
CA SER A 245 -25.09 -11.33 -23.28
C SER A 245 -26.32 -12.22 -23.16
N ASP A 246 -27.49 -11.61 -22.95
CA ASP A 246 -28.72 -12.36 -22.76
C ASP A 246 -29.73 -12.12 -23.88
N ASN A 247 -29.32 -11.38 -24.90
CA ASN A 247 -30.14 -11.16 -26.08
C ASN A 247 -29.70 -12.11 -27.20
N ASN A 248 -30.50 -13.15 -27.43
CA ASN A 248 -30.09 -14.25 -28.30
C ASN A 248 -29.50 -13.83 -29.65
N GLU A 249 -29.93 -12.69 -30.16
CA GLU A 249 -29.39 -12.20 -31.43
C GLU A 249 -28.05 -11.47 -31.24
N MET A 250 -28.05 -10.43 -30.41
CA MET A 250 -26.85 -9.67 -30.11
C MET A 250 -25.69 -10.55 -29.63
N LYS A 251 -25.99 -11.49 -28.73
CA LYS A 251 -24.94 -12.25 -28.06
C LYS A 251 -24.08 -13.06 -29.03
N GLU A 252 -24.53 -13.22 -30.26
CA GLU A 252 -23.77 -13.94 -31.28
C GLU A 252 -23.14 -12.99 -32.28
N ILE A 253 -23.54 -11.72 -32.22
CA ILE A 253 -23.09 -10.69 -33.15
C ILE A 253 -21.72 -10.09 -32.80
N ALA A 254 -21.51 -9.78 -31.53
CA ALA A 254 -20.21 -9.25 -31.06
C ALA A 254 -19.70 -10.02 -29.85
N LYS A 255 -18.53 -10.64 -29.99
CA LYS A 255 -17.98 -11.51 -28.96
C LYS A 255 -16.57 -11.06 -28.57
N PRO A 256 -16.09 -11.53 -27.41
CA PRO A 256 -14.71 -11.21 -27.04
C PRO A 256 -13.76 -12.02 -27.91
N PRO A 257 -12.51 -11.54 -28.05
CA PRO A 257 -11.47 -12.31 -28.76
C PRO A 257 -11.33 -13.69 -28.15
N ARG A 258 -10.96 -14.67 -28.97
CA ARG A 258 -10.83 -16.04 -28.52
C ARG A 258 -9.94 -16.12 -27.27
N PHE A 259 -8.81 -15.41 -27.31
CA PHE A 259 -7.85 -15.47 -26.20
C PHE A 259 -8.46 -14.96 -24.88
N VAL A 260 -9.40 -14.03 -24.99
CA VAL A 260 -10.12 -13.55 -23.81
C VAL A 260 -11.12 -14.60 -23.29
N GLN A 261 -11.76 -15.32 -24.22
CA GLN A 261 -12.70 -16.36 -23.82
C GLN A 261 -11.94 -17.51 -23.15
N GLU A 262 -10.72 -17.73 -23.60
CA GLU A 262 -9.91 -18.83 -23.07
C GLU A 262 -9.31 -18.57 -21.69
N ILE A 263 -9.33 -17.32 -21.24
CA ILE A 263 -8.77 -16.98 -19.93
C ILE A 263 -9.80 -16.37 -18.98
N SER A 264 -10.96 -15.98 -19.52
CA SER A 264 -12.00 -15.41 -18.68
C SER A 264 -12.47 -16.39 -17.60
N MET A 265 -12.31 -15.99 -16.33
CA MET A 265 -12.75 -16.83 -15.23
C MET A 265 -14.26 -17.05 -15.25
N VAL A 266 -15.03 -16.02 -15.60
CA VAL A 266 -16.48 -16.17 -15.69
C VAL A 266 -16.82 -17.20 -16.75
N ASN A 267 -16.15 -17.11 -17.91
CA ASN A 267 -16.37 -18.03 -19.01
C ASN A 267 -15.96 -19.47 -18.70
N ARG A 268 -15.14 -19.63 -17.66
CA ARG A 268 -14.63 -20.94 -17.30
C ARG A 268 -15.65 -21.68 -16.43
N LEU A 269 -16.47 -20.90 -15.72
CA LEU A 269 -17.44 -21.45 -14.77
C LEU A 269 -18.86 -21.36 -15.30
N TRP A 270 -19.10 -20.39 -16.18
CA TRP A 270 -20.36 -20.28 -16.91
C TRP A 270 -20.01 -20.25 -18.39
N PRO A 271 -19.53 -21.38 -18.93
CA PRO A 271 -18.99 -21.40 -20.30
C PRO A 271 -20.03 -21.03 -21.34
N ASP A 272 -19.62 -20.24 -22.33
CA ASP A 272 -20.52 -19.79 -23.38
C ASP A 272 -21.39 -20.75 -24.16
N VAL A 273 -20.75 -21.73 -24.81
CA VAL A 273 -21.33 -22.99 -25.25
C VAL A 273 -22.83 -23.03 -25.61
N SER A 274 -23.52 -22.72 -24.63
CA SER A 274 -24.97 -22.52 -24.81
C SER A 274 -25.47 -23.00 -26.17
N GLY A 275 -25.28 -24.22 -26.52
CA GLY A 275 -25.69 -24.86 -27.77
C GLY A 275 -26.13 -26.29 -27.46
N ALA A 276 -25.50 -27.25 -28.14
CA ALA A 276 -25.71 -28.65 -27.83
C ALA A 276 -24.83 -29.07 -26.67
N GLU A 277 -23.66 -28.44 -26.56
CA GLU A 277 -22.71 -28.74 -25.51
C GLU A 277 -23.22 -28.26 -24.15
N TYR A 278 -24.12 -27.29 -24.17
CA TYR A 278 -24.68 -26.77 -22.92
C TYR A 278 -25.47 -27.86 -22.20
N ILE A 279 -26.31 -28.56 -22.96
CA ILE A 279 -27.11 -29.66 -22.42
C ILE A 279 -26.24 -30.68 -21.69
N LYS A 280 -25.04 -30.91 -22.22
CA LYS A 280 -24.15 -31.93 -21.65
C LYS A 280 -23.26 -31.42 -20.53
N LEU A 281 -22.68 -30.23 -20.69
CA LEU A 281 -21.72 -29.74 -19.71
C LEU A 281 -22.39 -29.31 -18.40
N LEU A 282 -23.71 -29.14 -18.44
CA LEU A 282 -24.45 -28.86 -17.20
C LEU A 282 -25.04 -30.17 -16.67
N GLN A 283 -24.90 -31.21 -17.47
CA GLN A 283 -25.30 -32.56 -17.07
C GLN A 283 -24.29 -33.10 -16.06
N ARG A 284 -23.43 -32.21 -15.58
CA ARG A 284 -22.40 -32.56 -14.61
C ARG A 284 -22.17 -31.35 -13.71
N GLU A 285 -23.12 -30.43 -13.73
CA GLU A 285 -23.05 -29.17 -12.98
C GLU A 285 -21.86 -28.30 -13.37
N GLU A 286 -21.30 -28.55 -14.55
CA GLU A 286 -20.27 -27.67 -15.12
C GLU A 286 -20.94 -26.41 -15.70
N TYR A 287 -22.04 -26.02 -15.09
CA TYR A 287 -22.63 -24.72 -15.33
C TYR A 287 -23.38 -24.28 -14.08
N LEU A 288 -22.90 -23.21 -13.47
CA LEU A 288 -23.49 -22.68 -12.25
C LEU A 288 -24.81 -21.97 -12.55
N PRO A 289 -25.60 -21.67 -11.51
CA PRO A 289 -26.86 -20.96 -11.70
C PRO A 289 -26.69 -19.70 -12.54
N GLU A 290 -27.53 -19.51 -13.55
CA GLU A 290 -27.41 -18.37 -14.44
C GLU A 290 -27.55 -17.03 -13.71
N ASP A 291 -28.38 -17.00 -12.68
CA ASP A 291 -28.61 -15.76 -11.94
C ASP A 291 -27.40 -15.34 -11.10
N GLN A 292 -26.46 -16.26 -10.93
CA GLN A 292 -25.25 -15.98 -10.17
C GLN A 292 -24.12 -15.48 -11.07
N ARG A 293 -24.27 -15.66 -12.37
CA ARG A 293 -23.23 -15.27 -13.33
C ARG A 293 -23.07 -13.76 -13.41
N PRO A 294 -21.82 -13.28 -13.27
CA PRO A 294 -21.52 -11.87 -13.52
C PRO A 294 -21.77 -11.53 -14.98
N LYS A 295 -22.50 -10.45 -15.23
CA LYS A 295 -22.93 -10.10 -16.58
C LYS A 295 -22.21 -8.85 -17.07
N VAL A 296 -20.93 -9.01 -17.44
CA VAL A 296 -20.11 -7.85 -17.75
C VAL A 296 -19.16 -8.05 -18.93
N GLU A 297 -19.29 -9.16 -19.63
CA GLU A 297 -18.32 -9.50 -20.67
C GLU A 297 -18.66 -9.02 -22.09
N GLN A 298 -19.90 -8.59 -22.31
CA GLN A 298 -20.32 -8.10 -23.62
C GLN A 298 -21.18 -6.85 -23.50
N PHE A 299 -20.59 -5.68 -23.74
CA PHE A 299 -21.38 -4.44 -23.68
C PHE A 299 -21.27 -3.59 -24.94
N CYS A 300 -22.36 -2.90 -25.24
CA CYS A 300 -22.37 -1.95 -26.33
C CYS A 300 -22.34 -0.54 -25.79
N LEU A 301 -21.58 0.33 -26.44
CA LEU A 301 -21.32 1.66 -25.91
C LEU A 301 -21.46 2.71 -27.00
N ALA A 302 -22.48 3.56 -26.89
CA ALA A 302 -22.62 4.68 -27.81
C ALA A 302 -22.38 5.99 -27.07
N GLY A 303 -21.79 6.95 -27.77
CA GLY A 303 -21.46 8.22 -27.17
C GLY A 303 -21.50 9.39 -28.14
N MET A 304 -21.87 10.55 -27.62
CA MET A 304 -21.91 11.76 -28.44
C MET A 304 -20.56 12.46 -28.45
N ALA A 305 -20.25 13.12 -29.55
CA ALA A 305 -19.00 13.88 -29.64
C ALA A 305 -19.03 14.98 -28.59
N GLY A 306 -17.87 15.25 -27.99
CA GLY A 306 -17.77 16.25 -26.95
C GLY A 306 -17.96 15.65 -25.57
N SER A 307 -18.10 14.32 -25.54
CA SER A 307 -18.30 13.59 -24.30
C SER A 307 -17.02 13.34 -23.54
N TYR A 308 -17.16 13.23 -22.22
CA TYR A 308 -16.04 12.91 -21.35
C TYR A 308 -16.47 11.96 -20.25
N THR A 309 -15.65 10.94 -20.00
CA THR A 309 -15.83 10.05 -18.86
C THR A 309 -14.60 10.16 -17.96
N ASP A 310 -14.82 10.42 -16.68
CA ASP A 310 -13.74 10.74 -15.76
C ASP A 310 -12.96 9.50 -15.31
N PHE A 311 -11.73 9.72 -14.84
CA PHE A 311 -10.83 8.65 -14.42
C PHE A 311 -11.49 7.60 -13.52
N HIS A 312 -11.29 6.34 -13.87
CA HIS A 312 -11.77 5.23 -13.05
C HIS A 312 -10.84 4.03 -13.18
N VAL A 313 -10.92 3.11 -12.22
CA VAL A 313 -10.33 1.80 -12.38
C VAL A 313 -11.45 0.80 -12.51
N ASP A 314 -11.41 -0.02 -13.56
CA ASP A 314 -12.51 -0.94 -13.83
C ASP A 314 -12.77 -1.89 -12.67
N PHE A 315 -14.06 -2.12 -12.40
CA PHE A 315 -14.48 -2.90 -11.24
C PHE A 315 -13.79 -4.25 -11.13
N GLY A 316 -13.44 -4.63 -9.90
CA GLY A 316 -12.78 -5.88 -9.62
C GLY A 316 -11.38 -6.01 -10.21
N GLY A 317 -10.86 -4.91 -10.73
CA GLY A 317 -9.59 -4.92 -11.44
C GLY A 317 -9.69 -5.77 -12.70
N SER A 318 -10.86 -5.73 -13.32
CA SER A 318 -11.12 -6.52 -14.52
C SER A 318 -10.37 -5.96 -15.72
N SER A 319 -9.97 -6.86 -16.61
CA SER A 319 -9.34 -6.49 -17.86
C SER A 319 -10.43 -6.09 -18.86
N VAL A 320 -10.05 -5.32 -19.87
CA VAL A 320 -11.01 -4.82 -20.83
C VAL A 320 -10.59 -5.09 -22.27
N TYR A 321 -11.56 -5.50 -23.09
CA TYR A 321 -11.39 -5.42 -24.55
C TYR A 321 -12.38 -4.39 -25.05
N TYR A 322 -11.97 -3.62 -26.04
CA TYR A 322 -12.67 -2.40 -26.41
C TYR A 322 -12.48 -2.16 -27.90
N HIS A 323 -13.49 -2.44 -28.69
CA HIS A 323 -13.39 -2.28 -30.14
C HIS A 323 -14.21 -1.10 -30.64
N ILE A 324 -13.56 -0.20 -31.38
CA ILE A 324 -14.24 0.97 -31.93
C ILE A 324 -14.88 0.67 -33.28
N LEU A 325 -16.19 0.44 -33.27
CA LEU A 325 -16.90 0.10 -34.50
C LEU A 325 -17.18 1.36 -35.31
N LYS A 326 -17.31 2.50 -34.62
CA LYS A 326 -17.59 3.78 -35.25
C LYS A 326 -17.04 4.92 -34.41
N GLY A 327 -16.27 5.80 -35.03
CA GLY A 327 -15.80 7.00 -34.37
C GLY A 327 -14.37 6.93 -33.85
N GLU A 328 -14.11 7.73 -32.81
CA GLU A 328 -12.76 7.86 -32.26
C GLU A 328 -12.81 8.16 -30.76
N LYS A 329 -11.88 7.59 -30.00
CA LYS A 329 -11.78 7.84 -28.57
C LYS A 329 -10.37 8.24 -28.21
N ILE A 330 -10.24 9.11 -27.22
CA ILE A 330 -8.93 9.41 -26.67
C ILE A 330 -8.90 8.97 -25.21
N PHE A 331 -7.99 8.03 -24.92
CA PHE A 331 -7.86 7.48 -23.59
C PHE A 331 -6.70 8.14 -22.84
N TYR A 332 -6.94 8.52 -21.59
CA TYR A 332 -5.89 9.06 -20.73
C TYR A 332 -5.63 8.07 -19.60
N ILE A 333 -4.45 7.49 -19.60
CA ILE A 333 -4.17 6.33 -18.76
C ILE A 333 -2.98 6.51 -17.84
N ALA A 334 -2.94 5.70 -16.78
CA ALA A 334 -1.84 5.72 -15.82
C ALA A 334 -1.62 4.32 -15.26
N ALA A 335 -0.37 3.86 -15.31
CA ALA A 335 -0.03 2.52 -14.85
C ALA A 335 -0.48 2.29 -13.42
N PRO A 336 -0.91 1.04 -13.11
CA PRO A 336 -1.37 0.64 -11.79
C PRO A 336 -0.22 0.42 -10.79
N THR A 337 0.51 1.46 -10.45
CA THR A 337 1.51 1.38 -9.38
C THR A 337 0.86 1.81 -8.06
N GLU A 338 1.48 1.43 -6.95
CA GLU A 338 0.98 1.79 -5.62
C GLU A 338 0.79 3.30 -5.45
N GLN A 339 1.76 4.08 -5.90
CA GLN A 339 1.66 5.53 -5.78
C GLN A 339 0.47 6.04 -6.58
N ASN A 340 0.35 5.60 -7.83
CA ASN A 340 -0.78 6.00 -8.67
C ASN A 340 -2.12 5.63 -8.06
N PHE A 341 -2.18 4.48 -7.39
CA PHE A 341 -3.40 4.10 -6.68
C PHE A 341 -3.65 5.06 -5.53
N ALA A 342 -2.63 5.27 -4.70
CA ALA A 342 -2.73 6.20 -3.59
C ALA A 342 -3.24 7.55 -4.06
N ALA A 343 -2.66 8.06 -5.15
CA ALA A 343 -3.08 9.33 -5.70
C ALA A 343 -4.54 9.27 -6.15
N TYR A 344 -4.88 8.20 -6.87
CA TYR A 344 -6.23 8.01 -7.35
C TYR A 344 -7.24 7.93 -6.21
N GLN A 345 -6.90 7.15 -5.17
CA GLN A 345 -7.76 7.03 -3.99
C GLN A 345 -8.08 8.41 -3.41
N ALA A 346 -7.06 9.22 -3.23
CA ALA A 346 -7.25 10.57 -2.71
C ALA A 346 -8.19 11.37 -3.60
N HIS A 347 -7.98 11.30 -4.91
CA HIS A 347 -8.83 12.01 -5.86
C HIS A 347 -10.29 11.58 -5.76
N GLU A 348 -10.52 10.27 -5.64
CA GLU A 348 -11.87 9.73 -5.53
C GLU A 348 -12.55 10.11 -4.22
N THR A 349 -11.78 10.14 -3.14
CA THR A 349 -12.33 10.40 -1.81
C THR A 349 -12.37 11.90 -1.46
N SER A 350 -11.76 12.72 -2.29
CA SER A 350 -11.75 14.17 -2.08
C SER A 350 -13.05 14.81 -2.55
N PRO A 351 -13.47 15.89 -1.86
CA PRO A 351 -14.66 16.66 -2.23
C PRO A 351 -14.39 17.59 -3.39
N ASP A 352 -13.11 17.87 -3.64
CA ASP A 352 -12.72 18.73 -4.76
C ASP A 352 -13.27 18.18 -6.06
N THR A 353 -13.71 19.08 -6.93
CA THR A 353 -14.49 18.71 -8.10
C THR A 353 -13.99 19.49 -9.31
N THR A 354 -13.00 20.34 -9.08
CA THR A 354 -12.54 21.30 -10.07
C THR A 354 -11.14 20.96 -10.58
N THR A 355 -10.53 19.94 -9.99
CA THR A 355 -9.18 19.54 -10.37
C THR A 355 -9.14 18.23 -11.18
N TRP A 356 -8.40 18.25 -12.28
CA TRP A 356 -8.28 17.09 -13.14
C TRP A 356 -7.19 16.18 -12.62
N PHE A 357 -7.53 14.95 -12.31
CA PHE A 357 -6.59 14.01 -11.71
C PHE A 357 -5.25 13.98 -12.46
N GLY A 358 -5.29 14.17 -13.77
CA GLY A 358 -4.08 14.20 -14.56
C GLY A 358 -3.11 15.29 -14.12
N ASP A 359 -3.67 16.41 -13.69
CA ASP A 359 -2.88 17.58 -13.31
C ASP A 359 -2.19 17.41 -11.96
N ILE A 360 -2.68 16.46 -11.17
CA ILE A 360 -2.08 16.20 -9.86
C ILE A 360 -1.56 14.77 -9.76
N ALA A 361 -1.31 14.15 -10.91
CA ALA A 361 -0.85 12.76 -10.93
C ALA A 361 0.65 12.66 -11.21
N ASN A 362 1.38 13.70 -10.86
CA ASN A 362 2.84 13.68 -10.96
C ASN A 362 3.38 13.15 -12.30
N GLY A 363 2.64 13.39 -13.38
CA GLY A 363 3.13 13.09 -14.72
C GLY A 363 2.87 11.67 -15.23
N ALA A 364 2.06 10.92 -14.49
CA ALA A 364 1.79 9.53 -14.83
C ALA A 364 0.82 9.35 -16.00
N VAL A 365 -0.12 10.30 -16.13
CA VAL A 365 -1.18 10.16 -17.12
C VAL A 365 -0.69 10.39 -18.55
N LYS A 366 -0.92 9.40 -19.41
CA LYS A 366 -0.51 9.47 -20.81
C LYS A 366 -1.71 9.53 -21.75
N ARG A 367 -1.45 9.85 -23.01
CA ARG A 367 -2.50 10.01 -24.01
C ARG A 367 -2.39 8.95 -25.11
N VAL A 368 -3.52 8.35 -25.48
CA VAL A 368 -3.54 7.38 -26.56
C VAL A 368 -4.85 7.45 -27.35
N VAL A 369 -4.72 7.54 -28.68
CA VAL A 369 -5.90 7.68 -29.53
C VAL A 369 -6.30 6.35 -30.17
N ILE A 370 -7.60 6.07 -30.14
CA ILE A 370 -8.11 4.86 -30.79
C ILE A 370 -9.15 5.22 -31.87
N LYS A 371 -8.82 4.91 -33.12
CA LYS A 371 -9.67 5.27 -34.24
C LYS A 371 -10.57 4.14 -34.67
N GLU A 372 -11.44 4.42 -35.63
CA GLU A 372 -12.42 3.46 -36.13
C GLU A 372 -11.74 2.17 -36.58
N GLY A 373 -12.29 1.04 -36.14
CA GLY A 373 -11.74 -0.27 -36.51
C GLY A 373 -10.66 -0.75 -35.57
N GLN A 374 -10.03 0.18 -34.86
CA GLN A 374 -8.95 -0.16 -33.94
C GLN A 374 -9.49 -0.76 -32.64
N THR A 375 -8.64 -1.50 -31.95
CA THR A 375 -9.03 -2.22 -30.73
C THR A 375 -8.09 -1.94 -29.58
N LEU A 376 -8.65 -1.88 -28.37
CA LEU A 376 -7.85 -1.62 -27.19
C LEU A 376 -7.96 -2.80 -26.22
N LEU A 377 -6.81 -3.30 -25.78
CA LEU A 377 -6.78 -4.40 -24.83
C LEU A 377 -6.07 -3.95 -23.55
N ILE A 378 -6.84 -3.83 -22.47
CA ILE A 378 -6.32 -3.27 -21.23
C ILE A 378 -6.30 -4.29 -20.09
N PRO A 379 -5.11 -4.53 -19.52
CA PRO A 379 -4.92 -5.46 -18.40
C PRO A 379 -5.49 -4.87 -17.11
N ALA A 380 -5.27 -5.56 -15.99
CA ALA A 380 -5.89 -5.17 -14.74
C ALA A 380 -5.28 -3.91 -14.11
N GLY A 381 -6.14 -3.01 -13.63
CA GLY A 381 -5.72 -1.93 -12.75
C GLY A 381 -5.46 -0.58 -13.39
N TRP A 382 -5.33 -0.53 -14.70
CA TRP A 382 -5.02 0.75 -15.37
C TRP A 382 -6.07 1.82 -15.09
N ILE A 383 -5.61 2.96 -14.59
CA ILE A 383 -6.45 4.12 -14.33
C ILE A 383 -6.66 4.86 -15.65
N HIS A 384 -7.90 5.11 -16.02
CA HIS A 384 -8.15 5.71 -17.33
C HIS A 384 -9.38 6.61 -17.39
N ALA A 385 -9.26 7.68 -18.16
CA ALA A 385 -10.37 8.56 -18.48
C ALA A 385 -10.53 8.58 -19.98
N VAL A 386 -11.72 8.89 -20.47
CA VAL A 386 -12.01 8.79 -21.91
C VAL A 386 -12.64 10.06 -22.49
N LEU A 387 -12.06 10.56 -23.56
CA LEU A 387 -12.65 11.68 -24.30
C LEU A 387 -13.22 11.22 -25.64
N THR A 388 -14.45 11.62 -25.94
CA THR A 388 -15.10 11.19 -27.18
C THR A 388 -15.25 12.37 -28.15
N PRO A 389 -14.27 12.52 -29.05
CA PRO A 389 -14.23 13.65 -29.99
C PRO A 389 -15.27 13.52 -31.10
N VAL A 390 -15.70 12.30 -31.39
CA VAL A 390 -16.61 12.04 -32.50
C VAL A 390 -17.71 11.06 -32.08
N ASP A 391 -18.94 11.29 -32.57
CA ASP A 391 -20.04 10.37 -32.28
C ASP A 391 -19.53 8.95 -32.42
N SER A 392 -19.80 8.12 -31.43
CA SER A 392 -19.16 6.80 -31.37
C SER A 392 -20.07 5.63 -31.07
N LEU A 393 -19.67 4.48 -31.60
CA LEU A 393 -20.30 3.22 -31.26
C LEU A 393 -19.18 2.23 -30.97
N VAL A 394 -19.23 1.62 -29.79
CA VAL A 394 -18.15 0.76 -29.34
C VAL A 394 -18.69 -0.55 -28.79
N PHE A 395 -17.93 -1.61 -28.98
CA PHE A 395 -18.25 -2.90 -28.38
C PHE A 395 -17.08 -3.33 -27.49
N GLY A 396 -17.39 -3.88 -26.33
CA GLY A 396 -16.36 -4.27 -25.39
C GLY A 396 -16.80 -5.26 -24.33
N GLY A 397 -15.91 -5.52 -23.38
CA GLY A 397 -16.23 -6.40 -22.27
C GLY A 397 -15.20 -6.36 -21.16
N ASN A 398 -15.64 -6.74 -19.96
CA ASN A 398 -14.75 -6.86 -18.81
C ASN A 398 -14.61 -8.32 -18.39
N PHE A 399 -13.39 -8.72 -18.04
CA PHE A 399 -13.15 -10.10 -17.63
C PHE A 399 -12.07 -10.19 -16.55
N LEU A 400 -12.19 -11.19 -15.68
CA LEU A 400 -11.14 -11.53 -14.72
C LEU A 400 -10.35 -12.73 -15.25
N HIS A 401 -9.07 -12.79 -14.89
CA HIS A 401 -8.23 -13.91 -15.30
C HIS A 401 -7.05 -14.13 -14.35
N LEU A 402 -6.60 -15.40 -14.27
CA LEU A 402 -5.56 -15.81 -13.33
C LEU A 402 -4.20 -15.13 -13.50
N GLY A 403 -3.90 -14.68 -14.72
CA GLY A 403 -2.64 -14.01 -14.97
C GLY A 403 -2.55 -12.67 -14.29
N ASN A 404 -3.70 -12.12 -13.93
CA ASN A 404 -3.78 -10.84 -13.23
C ASN A 404 -4.43 -10.97 -11.85
N LEU A 405 -4.32 -12.15 -11.25
CA LEU A 405 -4.96 -12.39 -9.95
C LEU A 405 -4.47 -11.38 -8.90
N GLU A 406 -3.16 -11.23 -8.78
CA GLU A 406 -2.59 -10.30 -7.80
C GLU A 406 -3.11 -8.89 -8.00
N MET A 407 -3.05 -8.41 -9.24
CA MET A 407 -3.51 -7.05 -9.52
C MET A 407 -5.00 -6.92 -9.22
N GLN A 408 -5.75 -7.98 -9.52
CA GLN A 408 -7.19 -7.98 -9.28
C GLN A 408 -7.48 -7.82 -7.79
N MET A 409 -6.76 -8.57 -6.97
CA MET A 409 -6.90 -8.46 -5.53
C MET A 409 -6.45 -7.09 -5.01
N ARG A 410 -5.44 -6.50 -5.65
CA ARG A 410 -4.97 -5.18 -5.26
C ARG A 410 -6.02 -4.11 -5.50
N VAL A 411 -6.65 -4.15 -6.67
CA VAL A 411 -7.70 -3.20 -7.00
C VAL A 411 -8.89 -3.37 -6.04
N TYR A 412 -9.19 -4.61 -5.71
CA TYR A 412 -10.28 -4.93 -4.78
C TYR A 412 -10.02 -4.32 -3.39
N HIS A 413 -8.75 -4.31 -2.99
CA HIS A 413 -8.37 -3.64 -1.74
C HIS A 413 -8.63 -2.16 -1.88
N LEU A 414 -8.13 -1.58 -2.98
CA LEU A 414 -8.33 -0.17 -3.28
C LEU A 414 -9.82 0.20 -3.25
N GLU A 415 -10.64 -0.58 -3.95
CA GLU A 415 -12.09 -0.33 -3.99
C GLU A 415 -12.69 -0.36 -2.60
N ASN A 416 -12.38 -1.42 -1.85
CA ASN A 416 -12.94 -1.60 -0.52
C ASN A 416 -12.58 -0.45 0.42
N ALA A 417 -11.36 0.06 0.26
CA ALA A 417 -10.91 1.22 1.03
C ALA A 417 -11.67 2.47 0.62
N ILE A 418 -11.80 2.69 -0.68
CA ILE A 418 -12.51 3.87 -1.19
C ILE A 418 -13.96 3.85 -0.73
N ARG A 419 -14.55 2.66 -0.73
CA ARG A 419 -15.96 2.50 -0.40
C ARG A 419 -16.26 2.86 1.06
N LYS A 420 -15.26 2.73 1.93
CA LYS A 420 -15.42 3.04 3.35
C LYS A 420 -15.31 4.53 3.66
N GLU A 421 -14.66 5.29 2.78
CA GLU A 421 -14.34 6.68 3.07
C GLU A 421 -15.42 7.64 2.55
N ILE A 422 -16.03 7.29 1.43
CA ILE A 422 -17.17 8.04 0.92
C ILE A 422 -18.31 7.08 0.58
N ARG A 423 -19.53 7.44 0.99
CA ARG A 423 -20.70 6.59 0.72
C ARG A 423 -21.09 6.61 -0.75
N SER A 424 -20.49 5.71 -1.52
CA SER A 424 -20.82 5.57 -2.93
C SER A 424 -22.20 4.95 -3.11
N GLU A 425 -22.27 3.63 -2.99
CA GLU A 425 -23.53 2.90 -3.14
C GLU A 425 -24.21 3.05 -4.51
N GLU A 426 -23.83 4.10 -5.23
CA GLU A 426 -24.20 4.27 -6.63
C GLU A 426 -23.08 3.75 -7.53
N LYS A 427 -21.85 3.84 -7.04
CA LYS A 427 -20.71 3.28 -7.75
C LYS A 427 -20.91 1.78 -7.96
N PHE A 428 -20.64 1.30 -9.16
CA PHE A 428 -20.81 -0.11 -9.48
C PHE A 428 -19.53 -0.90 -9.26
N TYR A 429 -19.67 -2.04 -8.61
CA TYR A 429 -18.53 -2.92 -8.37
C TYR A 429 -18.79 -4.32 -8.94
N PHE A 430 -17.73 -5.09 -9.16
CA PHE A 430 -17.84 -6.39 -9.79
C PHE A 430 -18.81 -7.29 -9.04
N PRO A 431 -19.92 -7.67 -9.69
CA PRO A 431 -20.97 -8.51 -9.11
C PRO A 431 -20.44 -9.88 -8.71
N ASN A 432 -20.85 -10.37 -7.55
CA ASN A 432 -20.45 -11.70 -7.08
C ASN A 432 -18.95 -11.96 -7.15
N PHE A 433 -18.16 -10.92 -6.88
CA PHE A 433 -16.71 -11.01 -6.97
C PHE A 433 -16.17 -12.14 -6.11
N GLU A 434 -16.64 -12.21 -4.86
CA GLU A 434 -16.15 -13.23 -3.94
C GLU A 434 -16.73 -14.60 -4.26
N LEU A 435 -18.03 -14.68 -4.44
CA LEU A 435 -18.67 -15.93 -4.84
C LEU A 435 -17.88 -16.59 -5.95
N LEU A 436 -17.60 -15.81 -6.99
CA LEU A 436 -16.88 -16.29 -8.16
C LEU A 436 -15.56 -16.98 -7.81
N HIS A 437 -14.86 -16.44 -6.80
CA HIS A 437 -13.58 -17.01 -6.39
C HIS A 437 -13.74 -18.30 -5.58
N TRP A 438 -14.81 -18.38 -4.79
CA TRP A 438 -15.13 -19.61 -4.08
C TRP A 438 -15.43 -20.71 -5.08
N MET A 439 -16.32 -20.42 -6.01
CA MET A 439 -16.65 -21.36 -7.08
C MET A 439 -15.41 -21.75 -7.88
N TYR A 440 -14.61 -20.77 -8.27
CA TYR A 440 -13.44 -21.04 -9.10
C TYR A 440 -12.46 -21.92 -8.33
N MET A 441 -12.26 -21.58 -7.07
CA MET A 441 -11.36 -22.33 -6.21
C MET A 441 -11.85 -23.76 -6.05
N ARG A 442 -13.14 -23.92 -5.78
CA ARG A 442 -13.73 -25.23 -5.52
C ARG A 442 -13.81 -26.11 -6.76
N ASN A 443 -14.28 -25.55 -7.86
CA ASN A 443 -14.50 -26.31 -9.09
C ASN A 443 -13.23 -26.50 -9.92
N VAL A 444 -12.41 -25.46 -9.98
CA VAL A 444 -11.24 -25.50 -10.86
C VAL A 444 -9.95 -25.80 -10.11
N LEU A 445 -9.50 -24.86 -9.30
CA LEU A 445 -8.19 -24.98 -8.64
C LEU A 445 -8.05 -26.18 -7.72
N LEU A 446 -9.04 -26.40 -6.84
CA LEU A 446 -8.99 -27.51 -5.90
C LEU A 446 -8.83 -28.86 -6.62
N GLU A 447 -9.55 -29.03 -7.74
CA GLU A 447 -9.48 -30.28 -8.47
C GLU A 447 -8.09 -30.54 -9.07
N LYS A 448 -7.50 -29.51 -9.66
CA LYS A 448 -6.14 -29.63 -10.20
C LYS A 448 -5.18 -30.12 -9.12
N ILE A 449 -5.29 -29.52 -7.94
CA ILE A 449 -4.44 -29.90 -6.82
C ILE A 449 -4.77 -31.31 -6.35
N THR A 450 -6.04 -31.53 -6.01
CA THR A 450 -6.51 -32.85 -5.60
C THR A 450 -5.99 -33.94 -6.54
N GLU A 451 -6.16 -33.72 -7.84
CA GLU A 451 -5.72 -34.70 -8.82
C GLU A 451 -4.21 -34.84 -8.84
N ALA A 452 -3.51 -33.69 -8.80
CA ALA A 452 -2.05 -33.71 -8.80
C ALA A 452 -1.51 -34.45 -7.59
N ASN A 453 -2.31 -34.49 -6.52
CA ASN A 453 -1.94 -35.26 -5.34
C ASN A 453 -2.20 -36.76 -5.55
N GLN A 454 -3.35 -37.07 -6.15
CA GLN A 454 -3.74 -38.44 -6.43
C GLN A 454 -2.68 -39.20 -7.24
N GLU A 455 -1.81 -38.46 -7.93
CA GLU A 455 -0.76 -39.07 -8.73
C GLU A 455 0.63 -38.80 -8.18
N GLY A 456 0.68 -38.18 -7.00
CA GLY A 456 1.95 -37.84 -6.38
C GLY A 456 2.76 -36.89 -7.23
N SER A 457 2.07 -36.04 -7.99
CA SER A 457 2.73 -35.05 -8.84
C SER A 457 3.20 -33.82 -8.07
N ASP A 458 4.34 -33.29 -8.48
CA ASP A 458 4.88 -32.05 -7.95
C ASP A 458 4.44 -30.90 -8.85
N MET A 459 3.35 -30.23 -8.49
CA MET A 459 2.72 -29.23 -9.34
C MET A 459 3.69 -28.20 -9.95
N ARG A 460 4.85 -28.02 -9.34
CA ARG A 460 5.84 -27.09 -9.89
C ARG A 460 6.34 -27.54 -11.26
N GLU A 461 6.32 -28.85 -11.49
CA GLU A 461 6.78 -29.45 -12.75
C GLU A 461 6.05 -28.88 -13.96
N GLN A 462 4.76 -29.20 -14.06
CA GLN A 462 3.98 -28.87 -15.24
C GLN A 462 2.82 -27.94 -14.94
N GLU A 463 2.74 -27.47 -13.70
CA GLU A 463 1.59 -26.66 -13.27
C GLU A 463 1.96 -25.60 -12.25
N LYS A 464 3.15 -25.02 -12.40
CA LYS A 464 3.58 -24.01 -11.46
C LYS A 464 2.58 -22.85 -11.45
N ASN A 465 2.23 -22.35 -12.62
CA ASN A 465 1.24 -21.29 -12.76
C ASN A 465 -0.03 -21.52 -11.93
N ILE A 466 -0.54 -22.75 -11.97
CA ILE A 466 -1.74 -23.11 -11.23
C ILE A 466 -1.51 -23.17 -9.72
N TRP A 467 -0.32 -23.64 -9.34
CA TRP A 467 0.03 -23.77 -7.93
C TRP A 467 0.16 -22.39 -7.28
N THR A 468 0.87 -21.49 -7.97
CA THR A 468 1.07 -20.14 -7.46
C THR A 468 -0.25 -19.37 -7.40
N ALA A 469 -1.12 -19.61 -8.38
CA ALA A 469 -2.42 -18.96 -8.41
C ALA A 469 -3.30 -19.40 -7.25
N SER A 470 -3.14 -20.65 -6.82
CA SER A 470 -3.94 -21.20 -5.73
C SER A 470 -3.55 -20.61 -4.37
N GLN A 471 -2.24 -20.47 -4.13
CA GLN A 471 -1.76 -19.93 -2.87
C GLN A 471 -2.16 -18.47 -2.71
N ILE A 472 -1.96 -17.69 -3.77
CA ILE A 472 -2.37 -16.30 -3.80
C ILE A 472 -3.85 -16.17 -3.51
N MET A 473 -4.66 -16.88 -4.28
CA MET A 473 -6.11 -16.82 -4.14
C MET A 473 -6.55 -17.30 -2.77
N LYS A 474 -5.94 -18.36 -2.28
CA LYS A 474 -6.26 -18.87 -0.95
C LYS A 474 -6.02 -17.82 0.12
N ALA A 475 -4.83 -17.21 0.11
CA ALA A 475 -4.51 -16.20 1.11
C ALA A 475 -5.58 -15.11 1.15
N GLU A 476 -6.00 -14.66 -0.02
CA GLU A 476 -7.03 -13.62 -0.08
C GLU A 476 -8.34 -14.13 0.51
N MET A 477 -8.67 -15.37 0.21
CA MET A 477 -9.90 -15.97 0.72
C MET A 477 -9.83 -16.21 2.25
N GLU A 478 -8.65 -16.55 2.74
CA GLU A 478 -8.45 -16.71 4.18
C GLU A 478 -8.76 -15.39 4.89
N ARG A 479 -8.37 -14.28 4.26
CA ARG A 479 -8.70 -12.97 4.80
C ARG A 479 -10.20 -12.73 4.80
N TRP A 480 -10.89 -13.21 3.77
CA TRP A 480 -12.35 -13.04 3.69
C TRP A 480 -13.05 -13.87 4.77
N MET A 481 -12.55 -15.07 5.01
CA MET A 481 -13.13 -15.94 6.04
C MET A 481 -13.07 -15.26 7.39
N ASP A 482 -11.86 -14.83 7.78
CA ASP A 482 -11.65 -14.18 9.06
C ASP A 482 -12.49 -12.91 9.21
N ARG A 483 -12.59 -12.13 8.15
CA ARG A 483 -13.44 -10.94 8.15
C ARG A 483 -14.87 -11.33 8.47
N GLU A 484 -15.28 -12.49 7.96
CA GLU A 484 -16.65 -12.96 8.12
C GLU A 484 -16.91 -13.48 9.52
N LEU A 485 -15.86 -13.88 10.21
CA LEU A 485 -15.98 -14.35 11.59
C LEU A 485 -16.11 -13.15 12.52
N ARG A 486 -15.13 -12.26 12.46
CA ARG A 486 -15.10 -11.07 13.31
C ARG A 486 -16.31 -10.17 13.09
N LEU A 487 -16.74 -10.03 11.84
CA LEU A 487 -17.76 -9.05 11.50
C LEU A 487 -19.08 -9.66 11.07
N GLY A 488 -19.08 -10.97 10.82
CA GLY A 488 -20.27 -11.63 10.31
C GLY A 488 -20.34 -11.56 8.80
N PRO A 489 -21.21 -12.39 8.19
CA PRO A 489 -21.39 -12.44 6.73
C PRO A 489 -21.75 -11.09 6.12
N GLU A 490 -21.63 -11.01 4.80
CA GLU A 490 -21.91 -9.76 4.08
C GLU A 490 -23.36 -9.74 3.63
N LYS A 491 -23.83 -8.57 3.20
CA LYS A 491 -25.18 -8.45 2.68
C LYS A 491 -25.28 -9.22 1.36
N ASN A 492 -24.19 -9.24 0.62
CA ASN A 492 -24.11 -9.86 -0.68
C ASN A 492 -24.22 -11.36 -0.64
N ALA A 493 -23.81 -11.96 0.43
CA ALA A 493 -24.15 -13.34 0.69
C ALA A 493 -24.00 -14.22 -0.50
N ILE A 494 -25.08 -14.89 -0.85
CA ILE A 494 -25.08 -15.93 -1.84
C ILE A 494 -24.37 -17.24 -1.68
N LEU A 495 -23.31 -17.27 -0.89
CA LEU A 495 -22.72 -18.48 -0.40
C LEU A 495 -22.58 -18.59 1.10
N PRO A 496 -23.11 -19.68 1.63
CA PRO A 496 -23.37 -19.85 3.05
C PRO A 496 -22.14 -20.11 3.88
N THR A 497 -22.00 -19.39 4.97
CA THR A 497 -20.79 -19.46 5.79
C THR A 497 -20.27 -20.89 5.95
N ASP A 498 -21.19 -21.85 6.11
CA ASP A 498 -20.81 -23.25 6.26
C ASP A 498 -20.08 -23.75 5.02
N ASP A 499 -20.74 -23.66 3.88
CA ASP A 499 -20.14 -24.07 2.61
C ASP A 499 -18.74 -23.47 2.45
N LYS A 500 -18.63 -22.17 2.76
CA LYS A 500 -17.35 -21.48 2.67
C LYS A 500 -16.27 -22.16 3.50
N ASN A 501 -16.64 -22.62 4.69
CA ASN A 501 -15.68 -23.27 5.57
C ASN A 501 -15.26 -24.64 5.03
N LYS A 502 -16.26 -25.44 4.64
CA LYS A 502 -15.98 -26.76 4.06
C LYS A 502 -14.99 -26.63 2.90
N ILE A 503 -15.20 -25.61 2.07
CA ILE A 503 -14.29 -25.34 0.96
C ILE A 503 -12.89 -25.05 1.47
N MET A 504 -12.77 -24.10 2.41
CA MET A 504 -11.47 -23.75 2.97
C MET A 504 -10.76 -24.96 3.56
N ILE A 505 -11.45 -25.66 4.45
CA ILE A 505 -10.91 -26.85 5.08
C ILE A 505 -10.32 -27.82 4.04
N SER A 506 -11.12 -28.15 3.02
CA SER A 506 -10.66 -29.06 1.98
C SER A 506 -9.45 -28.52 1.24
N VAL A 507 -9.43 -27.21 1.01
CA VAL A 507 -8.33 -26.56 0.32
C VAL A 507 -7.03 -26.60 1.13
N ARG A 508 -7.13 -26.28 2.41
CA ARG A 508 -5.98 -26.36 3.31
C ARG A 508 -5.43 -27.78 3.26
N LYS A 509 -6.34 -28.75 3.35
CA LYS A 509 -5.99 -30.16 3.34
C LYS A 509 -5.13 -30.56 2.13
N GLN A 510 -5.59 -30.18 0.94
CA GLN A 510 -4.89 -30.55 -0.30
C GLN A 510 -3.58 -29.80 -0.50
N ILE A 511 -3.57 -28.52 -0.13
CA ILE A 511 -2.38 -27.69 -0.24
C ILE A 511 -1.28 -28.20 0.69
N GLU A 512 -1.68 -28.82 1.79
CA GLU A 512 -0.72 -29.40 2.71
C GLU A 512 -0.10 -30.66 2.09
N ILE A 513 -0.95 -31.54 1.60
CA ILE A 513 -0.51 -32.76 0.94
C ILE A 513 0.46 -32.45 -0.20
N GLN A 514 0.12 -31.46 -1.03
CA GLN A 514 0.97 -31.07 -2.15
C GLN A 514 2.27 -30.44 -1.67
N THR A 515 2.21 -29.78 -0.51
CA THR A 515 3.40 -29.21 0.09
C THR A 515 4.37 -30.31 0.54
N LYS A 516 3.83 -31.34 1.19
CA LYS A 516 4.64 -32.47 1.63
C LYS A 516 5.26 -33.22 0.46
N ILE A 517 4.49 -33.38 -0.62
CA ILE A 517 5.00 -33.98 -1.84
C ILE A 517 6.20 -33.21 -2.35
N GLN A 518 6.08 -31.89 -2.37
CA GLN A 518 7.15 -31.01 -2.83
C GLN A 518 8.37 -31.07 -1.93
N ASN A 519 8.12 -31.22 -0.62
CA ASN A 519 9.21 -31.26 0.36
C ASN A 519 9.93 -32.60 0.43
N ALA A 520 9.27 -33.66 -0.03
CA ALA A 520 9.87 -34.98 -0.01
C ALA A 520 11.10 -35.04 -0.92
N LYS A 521 11.06 -34.27 -1.99
CA LYS A 521 12.17 -34.21 -2.94
C LYS A 521 13.45 -33.65 -2.28
N ASN A 522 13.36 -33.35 -0.99
CA ASN A 522 14.50 -32.83 -0.25
C ASN A 522 15.36 -33.95 0.34
N LYS A 523 16.67 -33.82 0.23
CA LYS A 523 17.59 -34.83 0.73
C LYS A 523 18.84 -34.19 1.33
N LYS B 10 54.55 -13.08 25.63
CA LYS B 10 54.84 -12.30 24.44
C LYS B 10 55.97 -11.29 24.70
N GLU B 11 57.13 -11.54 24.13
CA GLU B 11 58.31 -10.71 24.35
C GLU B 11 58.44 -9.60 23.31
N SER B 12 59.64 -9.48 22.74
CA SER B 12 59.89 -8.52 21.68
C SER B 12 60.04 -9.21 20.34
N ASP B 13 59.20 -10.23 20.11
CA ASP B 13 59.19 -10.96 18.85
C ASP B 13 58.65 -10.06 17.75
N ARG B 14 58.58 -10.58 16.53
CA ARG B 14 58.07 -9.81 15.42
C ARG B 14 56.77 -10.43 14.88
N CYS B 15 55.90 -9.57 14.35
CA CYS B 15 54.62 -10.01 13.82
C CYS B 15 54.78 -10.68 12.46
N GLY B 16 54.32 -11.92 12.35
CA GLY B 16 54.47 -12.69 11.13
C GLY B 16 53.56 -12.23 10.00
N GLY B 17 52.82 -11.15 10.24
CA GLY B 17 51.89 -10.64 9.26
C GLY B 17 52.19 -9.22 8.82
N CYS B 18 53.08 -8.55 9.54
CA CYS B 18 53.46 -7.18 9.18
C CYS B 18 54.93 -6.89 9.44
N GLY B 19 55.62 -7.82 10.11
CA GLY B 19 57.05 -7.73 10.29
C GLY B 19 57.53 -6.92 11.49
N LYS B 20 56.68 -5.99 11.95
CA LYS B 20 57.09 -5.09 13.02
C LYS B 20 57.36 -5.80 14.35
N PHE B 21 57.76 -5.01 15.34
CA PHE B 21 58.09 -5.54 16.67
C PHE B 21 57.10 -5.06 17.72
N THR B 22 57.48 -5.22 18.99
CA THR B 22 56.62 -4.83 20.09
C THR B 22 56.73 -3.33 20.42
N HIS B 23 56.95 -2.51 19.38
CA HIS B 23 56.95 -1.06 19.56
C HIS B 23 55.75 -0.43 18.84
N GLU B 24 54.72 -0.10 19.62
CA GLU B 24 53.53 0.56 19.07
C GLU B 24 53.10 1.73 19.95
N MET B 43 27.74 8.66 12.23
CA MET B 43 26.55 9.01 11.46
C MET B 43 25.47 7.93 11.37
N SER B 44 25.80 6.70 11.75
CA SER B 44 24.84 5.60 11.75
C SER B 44 25.15 4.54 12.81
N LYS B 45 24.14 3.76 13.18
CA LYS B 45 24.25 2.78 14.27
C LYS B 45 25.44 1.81 14.10
N LYS B 46 26.51 2.08 14.84
CA LYS B 46 27.71 1.24 14.80
C LYS B 46 28.32 1.13 16.20
N LYS B 47 28.79 -0.06 16.56
CA LYS B 47 29.35 -0.29 17.89
C LYS B 47 30.64 -1.12 17.88
N SER B 48 31.03 -1.64 16.72
CA SER B 48 32.18 -2.55 16.65
C SER B 48 33.52 -1.83 16.77
N HIS B 49 33.55 -0.55 16.38
CA HIS B 49 34.80 0.21 16.35
C HIS B 49 35.37 0.48 17.74
N HIS B 50 34.70 0.00 18.78
CA HIS B 50 35.12 0.27 20.15
C HIS B 50 36.26 -0.64 20.62
N HIS B 51 36.22 -1.91 20.23
CA HIS B 51 37.34 -2.81 20.53
C HIS B 51 38.34 -2.95 19.37
N LYS B 52 38.57 -1.85 18.66
CA LYS B 52 39.71 -1.79 17.74
C LYS B 52 40.95 -1.45 18.56
N LYS B 53 40.77 -1.45 19.88
CA LYS B 53 41.87 -1.34 20.83
C LYS B 53 42.47 -2.74 21.04
N ASN B 54 41.93 -3.71 20.30
CA ASN B 54 42.42 -5.09 20.37
C ASN B 54 43.21 -5.48 19.12
N ASP B 55 42.96 -4.76 18.03
CA ASP B 55 43.58 -5.07 16.75
C ASP B 55 45.09 -5.29 16.83
N PHE B 56 45.73 -4.67 17.82
CA PHE B 56 47.18 -4.77 17.97
C PHE B 56 47.55 -5.28 19.36
N GLN B 57 46.98 -6.42 19.75
CA GLN B 57 47.17 -6.91 21.12
C GLN B 57 47.87 -8.28 21.20
N TRP B 58 48.21 -8.85 20.05
CA TRP B 58 49.11 -10.01 19.99
C TRP B 58 48.50 -11.37 20.35
N ILE B 59 48.48 -12.27 19.37
CA ILE B 59 48.08 -13.66 19.57
C ILE B 59 49.14 -14.59 18.97
N GLY B 60 49.43 -15.68 19.66
CA GLY B 60 50.47 -16.60 19.22
C GLY B 60 49.95 -17.90 18.65
N CYS B 61 50.58 -18.36 17.58
CA CYS B 61 50.21 -19.63 16.98
C CYS B 61 50.70 -20.79 17.85
N ASP B 62 49.80 -21.70 18.16
CA ASP B 62 50.10 -22.84 19.03
C ASP B 62 50.90 -23.92 18.31
N SER B 63 51.21 -23.69 17.03
CA SER B 63 51.96 -24.66 16.25
C SER B 63 53.37 -24.15 15.95
N CYS B 64 53.47 -23.15 15.06
CA CYS B 64 54.76 -22.60 14.66
C CYS B 64 55.28 -21.58 15.66
N GLN B 65 54.45 -21.20 16.62
CA GLN B 65 54.86 -20.32 17.71
C GLN B 65 55.27 -18.92 17.28
N THR B 66 54.89 -18.50 16.07
CA THR B 66 55.15 -17.12 15.67
C THR B 66 54.01 -16.23 16.15
N TRP B 67 54.35 -15.01 16.54
CA TRP B 67 53.38 -14.07 17.08
C TRP B 67 52.78 -13.17 16.01
N TYR B 68 51.48 -12.94 16.10
CA TYR B 68 50.79 -12.02 15.19
C TYR B 68 50.08 -10.93 15.98
N HIS B 69 49.95 -9.74 15.39
CA HIS B 69 49.22 -8.67 16.03
C HIS B 69 47.77 -9.05 16.35
N PHE B 70 46.97 -9.22 15.30
CA PHE B 70 45.57 -9.65 15.42
C PHE B 70 44.87 -9.44 14.09
N LEU B 71 44.80 -8.20 13.62
CA LEU B 71 44.32 -7.96 12.28
C LEU B 71 45.38 -8.39 11.28
N CYS B 72 46.53 -8.80 11.80
CA CYS B 72 47.59 -9.37 10.98
C CYS B 72 47.48 -10.90 10.97
N SER B 73 46.73 -11.45 11.92
CA SER B 73 46.68 -12.91 12.12
C SER B 73 45.67 -13.63 11.22
N GLY B 74 44.82 -12.87 10.52
CA GLY B 74 43.82 -13.48 9.66
C GLY B 74 42.48 -13.61 10.36
N LEU B 75 42.49 -13.43 11.67
CA LEU B 75 41.25 -13.44 12.45
C LEU B 75 40.42 -12.23 12.11
N GLU B 76 39.10 -12.42 12.06
CA GLU B 76 38.19 -11.30 11.99
C GLU B 76 37.84 -10.88 13.41
N GLN B 77 37.38 -9.64 13.59
CA GLN B 77 37.17 -9.10 14.92
C GLN B 77 36.41 -10.05 15.86
N PHE B 78 35.33 -10.64 15.36
CA PHE B 78 34.44 -11.44 16.21
C PHE B 78 35.09 -12.71 16.77
N GLU B 79 36.21 -13.13 16.19
CA GLU B 79 36.88 -14.33 16.68
C GLU B 79 38.12 -14.08 17.54
N TYR B 80 38.46 -12.81 17.76
CA TYR B 80 39.62 -12.47 18.58
C TYR B 80 39.62 -13.25 19.91
N TYR B 81 38.44 -13.43 20.49
CA TYR B 81 38.33 -14.00 21.84
C TYR B 81 37.89 -15.47 21.84
N LEU B 82 37.69 -16.03 20.64
CA LEU B 82 37.08 -17.35 20.53
C LEU B 82 38.01 -18.52 20.82
N TYR B 83 39.24 -18.45 20.31
CA TYR B 83 40.11 -19.62 20.29
C TYR B 83 41.11 -19.72 21.45
N GLU B 84 41.11 -20.87 22.11
CA GLU B 84 42.07 -21.18 23.15
C GLU B 84 43.38 -21.67 22.54
N LYS B 85 43.27 -22.37 21.42
CA LYS B 85 44.43 -22.81 20.64
C LYS B 85 44.37 -22.19 19.25
N PHE B 86 45.18 -21.16 19.01
CA PHE B 86 45.17 -20.50 17.71
C PHE B 86 46.15 -21.12 16.73
N PHE B 87 45.65 -21.47 15.55
CA PHE B 87 46.50 -21.93 14.47
C PHE B 87 46.43 -20.93 13.33
N CYS B 88 47.59 -20.38 12.96
CA CYS B 88 47.65 -19.34 11.95
C CYS B 88 47.44 -19.93 10.56
N PRO B 89 47.16 -19.08 9.56
CA PRO B 89 46.94 -19.52 8.18
C PRO B 89 48.00 -20.49 7.65
N LYS B 90 49.26 -20.29 8.05
CA LYS B 90 50.36 -21.13 7.60
C LYS B 90 50.33 -22.57 8.11
N CYS B 91 49.62 -22.81 9.22
CA CYS B 91 49.65 -24.12 9.88
C CYS B 91 48.36 -24.91 9.75
N VAL B 92 47.26 -24.21 9.46
CA VAL B 92 45.95 -24.84 9.40
C VAL B 92 45.89 -26.07 8.47
N PRO B 93 46.47 -25.97 7.27
CA PRO B 93 46.49 -27.09 6.32
C PRO B 93 46.87 -28.43 6.93
N HIS B 94 47.66 -28.42 7.99
CA HIS B 94 48.10 -29.67 8.61
C HIS B 94 47.71 -29.79 10.08
N THR B 95 47.33 -28.67 10.68
CA THR B 95 46.99 -28.67 12.10
C THR B 95 45.49 -28.77 12.33
N GLY B 96 44.72 -28.36 11.33
CA GLY B 96 43.28 -28.27 11.47
C GLY B 96 42.86 -26.86 11.81
N HIS B 97 41.62 -26.68 12.23
CA HIS B 97 41.11 -25.36 12.54
C HIS B 97 41.24 -25.04 14.03
N SER B 98 41.58 -23.80 14.32
CA SER B 98 41.77 -23.35 15.69
C SER B 98 40.70 -23.90 16.63
N ILE B 99 41.11 -24.27 17.84
CA ILE B 99 40.21 -24.85 18.81
C ILE B 99 39.68 -23.79 19.76
N ARG B 100 38.36 -23.66 19.85
CA ARG B 100 37.74 -22.64 20.69
C ARG B 100 37.60 -23.11 22.13
N TYR B 101 37.45 -22.15 23.03
CA TYR B 101 37.26 -22.46 24.44
C TYR B 101 36.06 -23.37 24.62
N LYS B 102 36.14 -24.26 25.61
CA LYS B 102 35.01 -25.09 25.98
C LYS B 102 33.93 -24.19 26.52
N VAL B 103 32.68 -24.44 26.13
CA VAL B 103 31.56 -23.66 26.64
C VAL B 103 31.27 -24.08 28.07
N VAL B 104 31.99 -23.45 29.00
CA VAL B 104 31.93 -23.82 30.42
C VAL B 104 30.69 -23.30 31.13
N ALA B 105 30.34 -22.04 30.87
CA ALA B 105 29.19 -21.42 31.49
C ALA B 105 28.24 -20.85 30.45
N PRO B 106 27.30 -21.67 29.98
CA PRO B 106 26.34 -21.25 28.96
C PRO B 106 25.47 -20.10 29.48
N HIS B 107 25.46 -19.92 30.79
CA HIS B 107 24.58 -18.94 31.42
C HIS B 107 25.27 -17.61 31.70
N ARG B 108 26.49 -17.45 31.20
CA ARG B 108 27.25 -16.22 31.41
C ARG B 108 27.72 -15.62 30.09
N TYR B 109 27.79 -14.30 30.04
CA TYR B 109 28.31 -13.62 28.86
C TYR B 109 29.73 -14.11 28.55
N ARG B 110 30.49 -14.35 29.61
CA ARG B 110 31.81 -14.94 29.45
C ARG B 110 31.67 -16.45 29.56
N TRP B 111 31.10 -17.05 28.52
CA TRP B 111 30.77 -18.47 28.50
C TRP B 111 32.00 -19.36 28.55
N TYR B 112 33.18 -18.76 28.49
CA TYR B 112 34.42 -19.51 28.47
C TYR B 112 35.08 -19.59 29.86
N SER B 113 34.82 -18.59 30.70
CA SER B 113 35.47 -18.48 32.01
C SER B 113 34.88 -19.41 33.07
N PRO B 114 35.71 -20.31 33.61
CA PRO B 114 35.29 -21.27 34.64
C PRO B 114 35.06 -20.60 36.00
N ASN B 115 35.66 -19.43 36.20
CA ASN B 115 35.51 -18.71 37.47
C ASN B 115 34.12 -18.09 37.63
N GLU B 116 33.31 -18.19 36.59
CA GLU B 116 31.95 -17.67 36.62
C GLU B 116 30.93 -18.81 36.52
N LYS B 117 31.44 -20.04 36.49
CA LYS B 117 30.59 -21.21 36.31
C LYS B 117 29.48 -21.30 37.37
N HIS B 118 29.71 -20.68 38.51
CA HIS B 118 28.77 -20.78 39.63
C HIS B 118 27.86 -19.55 39.75
N LEU B 119 28.24 -18.47 39.07
CA LEU B 119 27.46 -17.23 39.13
C LEU B 119 26.08 -17.36 38.49
N GLY B 120 25.27 -16.33 38.65
CA GLY B 120 23.87 -16.36 38.22
C GLY B 120 23.65 -16.27 36.71
N ILE B 121 22.50 -16.78 36.28
CA ILE B 121 22.11 -16.80 34.87
C ILE B 121 21.83 -15.40 34.33
N GLU B 122 22.62 -14.99 33.35
CA GLU B 122 22.53 -13.62 32.82
C GLU B 122 21.51 -13.47 31.69
N VAL B 123 20.85 -12.31 31.66
CA VAL B 123 19.69 -12.08 30.80
C VAL B 123 19.90 -12.34 29.31
N GLY B 124 21.13 -12.20 28.82
CA GLY B 124 21.38 -12.42 27.40
C GLY B 124 21.82 -13.81 26.99
N SER B 125 22.29 -14.58 27.97
CA SER B 125 22.96 -15.86 27.73
C SER B 125 22.13 -16.90 26.99
N LYS B 126 22.79 -17.96 26.55
CA LYS B 126 22.12 -19.08 25.89
C LYS B 126 21.14 -19.77 26.83
N THR B 127 21.61 -20.05 28.04
CA THR B 127 20.78 -20.71 29.04
C THR B 127 19.51 -19.91 29.28
N TRP B 128 19.68 -18.61 29.50
CA TRP B 128 18.56 -17.72 29.77
C TRP B 128 17.56 -17.71 28.62
N ILE B 129 18.05 -17.71 27.39
CA ILE B 129 17.20 -17.63 26.22
C ILE B 129 16.43 -18.93 25.98
N GLU B 130 17.09 -20.07 26.11
CA GLU B 130 16.44 -21.35 25.88
C GLU B 130 15.33 -21.58 26.90
N ASP B 131 15.56 -21.10 28.12
CA ASP B 131 14.55 -21.15 29.15
C ASP B 131 13.42 -20.19 28.79
N PHE B 132 13.79 -18.97 28.44
CA PHE B 132 12.83 -17.91 28.11
C PHE B 132 11.87 -18.33 27.00
N ILE B 133 12.36 -19.07 26.02
CA ILE B 133 11.53 -19.53 24.92
C ILE B 133 10.37 -20.40 25.40
N THR B 134 10.54 -21.03 26.56
CA THR B 134 9.54 -21.95 27.10
C THR B 134 8.48 -21.25 27.94
N ARG B 135 8.69 -19.98 28.25
CA ARG B 135 7.76 -19.26 29.12
C ARG B 135 7.29 -17.93 28.54
N GLU B 136 8.02 -17.42 27.55
CA GLU B 136 7.75 -16.10 26.98
C GLU B 136 6.28 -15.86 26.68
N ASN B 137 5.60 -16.89 26.19
CA ASN B 137 4.22 -16.74 25.73
C ASN B 137 3.21 -16.49 26.83
N THR B 138 3.67 -16.45 28.08
CA THR B 138 2.79 -16.14 29.20
C THR B 138 2.78 -14.65 29.47
N VAL B 139 3.50 -13.89 28.65
CA VAL B 139 3.47 -12.43 28.73
C VAL B 139 2.18 -11.96 28.08
N PRO B 140 1.45 -11.05 28.76
CA PRO B 140 0.10 -10.65 28.35
C PRO B 140 0.06 -10.04 26.95
N SER B 141 -1.06 -10.21 26.25
CA SER B 141 -1.29 -9.48 25.03
C SER B 141 -1.55 -8.03 25.39
N PRO B 142 -1.37 -7.12 24.43
CA PRO B 142 -1.56 -5.69 24.69
C PRO B 142 -3.02 -5.28 24.64
N THR B 143 -3.35 -4.16 25.29
CA THR B 143 -4.69 -3.61 25.18
C THR B 143 -4.82 -2.88 23.86
N ASP B 144 -6.06 -2.69 23.41
CA ASP B 144 -6.30 -2.05 22.12
C ASP B 144 -5.89 -0.58 22.09
N ASP B 145 -5.56 -0.04 23.26
CA ASP B 145 -5.05 1.32 23.37
C ASP B 145 -3.54 1.35 23.16
N GLU B 146 -2.90 0.19 23.28
CA GLU B 146 -1.46 0.09 23.12
C GLU B 146 -1.08 -0.29 21.69
N VAL B 147 -1.81 -1.25 21.11
CA VAL B 147 -1.56 -1.59 19.72
C VAL B 147 -2.83 -1.85 18.90
N CYS B 148 -2.83 -1.31 17.69
CA CYS B 148 -3.90 -1.52 16.73
C CYS B 148 -3.41 -2.43 15.61
N ILE B 149 -4.15 -3.51 15.36
CA ILE B 149 -3.82 -4.44 14.28
C ILE B 149 -4.78 -4.25 13.11
N VAL B 150 -4.24 -4.03 11.92
CA VAL B 150 -5.05 -3.87 10.72
C VAL B 150 -4.63 -4.84 9.63
N GLU B 151 -5.53 -5.09 8.68
CA GLU B 151 -5.30 -6.05 7.61
C GLU B 151 -4.35 -5.54 6.53
N ASP B 152 -4.41 -4.25 6.22
CA ASP B 152 -3.52 -3.68 5.21
C ASP B 152 -3.30 -2.19 5.37
N GLY B 153 -2.46 -1.63 4.50
CA GLY B 153 -2.12 -0.22 4.53
C GLY B 153 -3.32 0.71 4.43
N TYR B 154 -4.41 0.20 3.88
CA TYR B 154 -5.62 1.00 3.72
C TYR B 154 -6.34 1.15 5.04
N GLU B 155 -6.35 0.07 5.81
CA GLU B 155 -6.98 0.10 7.13
C GLU B 155 -6.09 0.86 8.10
N PHE B 156 -4.78 0.80 7.86
CA PHE B 156 -3.86 1.56 8.69
C PHE B 156 -4.14 3.05 8.54
N ARG B 157 -4.06 3.54 7.31
CA ARG B 157 -4.23 4.96 7.05
C ARG B 157 -5.58 5.46 7.59
N ARG B 158 -6.59 4.60 7.53
CA ARG B 158 -7.92 4.97 7.98
C ARG B 158 -7.99 5.12 9.49
N GLU B 159 -7.44 4.15 10.22
CA GLU B 159 -7.42 4.19 11.68
C GLU B 159 -6.43 5.23 12.18
N PHE B 160 -5.31 5.36 11.47
CA PHE B 160 -4.30 6.35 11.80
C PHE B 160 -4.93 7.73 11.80
N GLU B 161 -5.47 8.12 10.66
CA GLU B 161 -6.24 9.37 10.54
C GLU B 161 -7.34 9.46 11.59
N LYS B 162 -8.03 8.35 11.79
CA LYS B 162 -9.16 8.32 12.71
C LYS B 162 -8.72 8.70 14.13
N LEU B 163 -7.48 8.34 14.48
CA LEU B 163 -6.97 8.63 15.82
C LEU B 163 -6.33 10.01 15.91
N GLY B 164 -6.13 10.66 14.76
CA GLY B 164 -5.63 12.02 14.75
C GLY B 164 -4.41 12.24 13.87
N GLY B 165 -3.99 11.20 13.16
CA GLY B 165 -2.85 11.31 12.27
C GLY B 165 -1.51 11.36 13.00
N ALA B 166 -0.47 11.76 12.28
CA ALA B 166 0.88 11.76 12.82
C ALA B 166 1.08 12.76 13.97
N ASP B 167 0.29 13.82 13.98
CA ASP B 167 0.39 14.82 15.03
C ASP B 167 -0.16 14.32 16.37
N ASN B 168 -0.86 13.19 16.32
CA ASN B 168 -1.43 12.59 17.52
C ASN B 168 -0.99 11.13 17.68
N TRP B 169 0.05 10.75 16.96
CA TRP B 169 0.47 9.35 16.91
C TRP B 169 1.11 8.91 18.23
N GLY B 170 0.45 7.98 18.92
CA GLY B 170 0.89 7.54 20.23
C GLY B 170 0.84 6.04 20.46
N LYS B 171 0.11 5.32 19.62
CA LYS B 171 0.05 3.87 19.76
C LYS B 171 0.77 3.14 18.63
N VAL B 172 1.11 1.88 18.87
CA VAL B 172 1.81 1.09 17.87
C VAL B 172 0.83 0.35 16.96
N PHE B 173 1.11 0.34 15.67
CA PHE B 173 0.26 -0.33 14.70
C PHE B 173 1.00 -1.53 14.12
N MET B 174 0.31 -2.66 14.00
CA MET B 174 0.82 -3.77 13.20
C MET B 174 -0.03 -3.91 11.94
N VAL B 175 0.63 -4.09 10.81
CA VAL B 175 -0.06 -4.13 9.53
C VAL B 175 0.18 -5.47 8.83
N LYS B 176 -0.87 -6.30 8.78
CA LYS B 176 -0.72 -7.68 8.31
C LYS B 176 -0.26 -7.81 6.86
N ASP B 177 -0.70 -6.88 6.00
CA ASP B 177 -0.38 -6.96 4.57
C ASP B 177 0.01 -5.57 4.06
N MET B 178 1.15 -5.48 3.36
CA MET B 178 1.71 -4.18 3.02
C MET B 178 1.01 -3.41 1.91
N ASP B 179 -0.01 -4.02 1.30
CA ASP B 179 -0.77 -3.34 0.27
C ASP B 179 -1.47 -2.13 0.90
N GLY B 180 -1.18 -0.94 0.39
CA GLY B 180 -1.74 0.28 0.94
C GLY B 180 -0.71 1.15 1.64
N LEU B 181 0.26 0.51 2.30
CA LEU B 181 1.30 1.25 3.01
C LEU B 181 2.12 2.10 2.07
N ASN B 182 2.09 1.77 0.78
CA ASN B 182 2.87 2.51 -0.19
C ASN B 182 4.34 2.43 0.20
N MET B 183 4.79 1.22 0.50
CA MET B 183 6.12 0.97 1.04
C MET B 183 6.88 0.05 0.11
N THR B 184 8.00 0.53 -0.43
CA THR B 184 8.76 -0.24 -1.41
C THR B 184 9.66 -1.29 -0.77
N MET B 185 9.39 -2.56 -1.06
CA MET B 185 10.19 -3.67 -0.58
C MET B 185 10.55 -4.61 -1.73
N PRO B 186 11.52 -5.50 -1.51
CA PRO B 186 11.84 -6.49 -2.53
C PRO B 186 10.75 -7.56 -2.64
N LYS B 187 10.67 -8.24 -3.77
CA LYS B 187 9.75 -9.37 -3.92
C LYS B 187 10.13 -10.47 -2.92
N PRO B 188 9.13 -11.06 -2.25
CA PRO B 188 9.42 -12.11 -1.26
C PRO B 188 10.17 -13.26 -1.90
N GLY B 189 11.02 -13.93 -1.11
CA GLY B 189 11.95 -14.91 -1.65
C GLY B 189 13.33 -14.28 -1.73
N PHE B 190 13.36 -12.97 -1.95
CA PHE B 190 14.57 -12.18 -1.79
C PHE B 190 15.11 -12.46 -0.39
N ASP B 191 16.42 -12.67 -0.29
CA ASP B 191 17.02 -13.00 1.00
C ASP B 191 18.49 -12.62 1.12
N LEU B 192 19.15 -13.18 2.12
CA LEU B 192 20.52 -12.83 2.44
C LEU B 192 21.45 -12.92 1.24
N GLU B 193 21.32 -13.98 0.46
CA GLU B 193 22.16 -14.18 -0.71
C GLU B 193 22.14 -12.93 -1.58
N ASP B 194 20.95 -12.40 -1.80
CA ASP B 194 20.76 -11.18 -2.58
C ASP B 194 21.40 -9.97 -1.90
N VAL B 195 21.31 -9.91 -0.58
CA VAL B 195 21.87 -8.80 0.18
C VAL B 195 23.39 -8.69 0.01
N VAL B 196 24.08 -9.82 0.02
CA VAL B 196 25.54 -9.81 -0.07
C VAL B 196 26.04 -9.57 -1.50
N LYS B 197 25.24 -9.96 -2.49
CA LYS B 197 25.56 -9.64 -3.88
C LYS B 197 25.61 -8.13 -4.06
N ILE B 198 24.58 -7.45 -3.54
CA ILE B 198 24.46 -6.00 -3.67
C ILE B 198 25.51 -5.24 -2.86
N MET B 199 25.64 -5.57 -1.58
CA MET B 199 26.58 -4.88 -0.68
C MET B 199 28.02 -5.32 -0.90
N GLY B 200 28.20 -6.57 -1.29
CA GLY B 200 29.54 -7.09 -1.54
C GLY B 200 30.03 -8.01 -0.43
N SER B 201 30.72 -9.08 -0.83
CA SER B 201 31.22 -10.09 0.10
C SER B 201 32.12 -9.50 1.19
N ASP B 202 32.85 -8.44 0.85
CA ASP B 202 33.84 -7.87 1.77
C ASP B 202 33.28 -6.79 2.68
N TYR B 203 32.00 -6.46 2.52
CA TYR B 203 31.36 -5.44 3.33
C TYR B 203 31.43 -5.82 4.81
N GLU B 204 32.04 -4.95 5.61
CA GLU B 204 32.11 -5.18 7.05
C GLU B 204 30.83 -4.70 7.73
N VAL B 205 30.15 -5.62 8.39
CA VAL B 205 28.89 -5.31 9.06
C VAL B 205 29.02 -5.51 10.56
N ASP B 206 28.49 -4.57 11.33
CA ASP B 206 28.46 -4.72 12.77
C ASP B 206 27.53 -5.84 13.17
N THR B 207 28.08 -6.81 13.89
CA THR B 207 27.36 -8.01 14.23
C THR B 207 27.31 -8.20 15.73
N ILE B 208 26.13 -8.54 16.23
CA ILE B 208 25.96 -8.80 17.65
C ILE B 208 26.20 -10.27 17.95
N ASP B 209 27.24 -10.54 18.73
CA ASP B 209 27.45 -11.86 19.28
C ASP B 209 26.44 -12.02 20.41
N VAL B 210 25.29 -12.60 20.07
CA VAL B 210 24.14 -12.65 20.98
C VAL B 210 24.48 -13.15 22.40
N TYR B 211 25.07 -14.33 22.49
CA TYR B 211 25.35 -14.92 23.80
C TYR B 211 26.33 -14.07 24.62
N ASN B 212 27.27 -13.44 23.91
CA ASN B 212 28.28 -12.62 24.55
C ASN B 212 27.75 -11.21 24.83
N GLN B 213 26.50 -10.96 24.46
CA GLN B 213 25.92 -9.61 24.48
C GLN B 213 26.96 -8.53 24.16
N SER B 214 27.57 -8.64 22.99
CA SER B 214 28.56 -7.67 22.54
C SER B 214 28.58 -7.64 21.02
N THR B 215 29.16 -6.58 20.45
CA THR B 215 29.11 -6.38 19.00
C THR B 215 30.50 -6.38 18.36
N TYR B 216 30.63 -7.08 17.23
CA TYR B 216 31.90 -7.18 16.53
C TYR B 216 31.77 -7.02 15.02
N SER B 217 32.88 -6.71 14.36
CA SER B 217 32.93 -6.65 12.90
C SER B 217 32.92 -8.04 12.31
N MET B 218 32.42 -8.14 11.09
CA MET B 218 32.36 -9.43 10.39
C MET B 218 32.06 -9.22 8.91
N LYS B 219 32.88 -9.81 8.06
CA LYS B 219 32.61 -9.79 6.63
C LYS B 219 31.18 -10.26 6.38
N LEU B 220 30.49 -9.59 5.47
CA LEU B 220 29.12 -9.96 5.17
C LEU B 220 29.08 -11.39 4.67
N ASP B 221 30.21 -11.84 4.11
CA ASP B 221 30.32 -13.19 3.58
C ASP B 221 30.50 -14.23 4.69
N THR B 222 31.28 -13.88 5.71
CA THR B 222 31.45 -14.78 6.84
C THR B 222 30.08 -15.04 7.47
N PHE B 223 29.34 -13.95 7.67
CA PHE B 223 27.98 -14.03 8.20
C PHE B 223 27.13 -14.97 7.35
N ARG B 224 27.13 -14.76 6.04
CA ARG B 224 26.39 -15.58 5.12
C ARG B 224 26.72 -17.05 5.36
N LYS B 225 28.01 -17.33 5.47
CA LYS B 225 28.51 -18.69 5.69
C LYS B 225 28.06 -19.29 7.02
N LEU B 226 27.99 -18.47 8.06
CA LEU B 226 27.53 -18.92 9.37
C LEU B 226 26.01 -19.10 9.38
N PHE B 227 25.33 -18.25 8.61
CA PHE B 227 23.87 -18.22 8.60
C PHE B 227 23.27 -19.43 7.89
N ARG B 228 23.87 -19.83 6.78
CA ARG B 228 23.36 -20.98 6.04
C ARG B 228 23.79 -22.31 6.66
N ASP B 229 24.83 -22.28 7.47
CA ASP B 229 25.16 -23.44 8.28
C ASP B 229 24.19 -23.49 9.45
N THR B 230 23.09 -24.20 9.26
CA THR B 230 22.04 -24.27 10.28
C THR B 230 22.29 -25.39 11.29
N LYS B 231 23.02 -26.42 10.88
CA LYS B 231 23.31 -27.53 11.78
C LYS B 231 24.16 -27.08 12.97
N ASN B 232 25.28 -26.41 12.68
CA ASN B 232 26.20 -25.98 13.72
C ASN B 232 26.13 -24.48 14.02
N ARG B 233 25.63 -24.14 15.20
CA ARG B 233 25.53 -22.74 15.61
C ARG B 233 25.88 -22.55 17.07
N PRO B 234 27.19 -22.63 17.38
CA PRO B 234 27.70 -22.45 18.75
C PRO B 234 27.41 -21.04 19.25
N LEU B 235 27.74 -20.03 18.45
CA LEU B 235 27.30 -18.67 18.73
C LEU B 235 26.14 -18.30 17.82
N LEU B 236 25.34 -17.32 18.25
CA LEU B 236 24.28 -16.79 17.41
C LEU B 236 24.65 -15.38 17.00
N TYR B 237 24.28 -15.00 15.78
CA TYR B 237 24.64 -13.68 15.26
C TYR B 237 23.50 -12.98 14.52
N ASN B 238 23.14 -11.79 14.99
CA ASN B 238 22.27 -10.89 14.26
C ASN B 238 23.07 -9.65 13.94
N PHE B 239 22.85 -9.00 12.81
CA PHE B 239 23.57 -7.75 12.66
C PHE B 239 22.88 -6.50 13.17
N LEU B 240 23.72 -5.65 13.76
CA LEU B 240 23.32 -4.44 14.45
C LEU B 240 22.37 -3.62 13.59
N SER B 241 22.89 -3.11 12.48
CA SER B 241 22.17 -2.15 11.66
C SER B 241 22.30 -2.45 10.17
N LEU B 242 23.47 -2.18 9.60
CA LEU B 242 23.63 -2.31 8.14
C LEU B 242 22.69 -1.34 7.43
N GLU B 243 23.08 -0.08 7.42
CA GLU B 243 22.30 0.99 6.83
C GLU B 243 22.75 1.16 5.37
N PHE B 244 21.80 1.10 4.45
CA PHE B 244 22.12 1.07 3.03
C PHE B 244 21.59 2.28 2.27
N SER B 245 21.40 3.40 2.98
CA SER B 245 20.82 4.58 2.35
C SER B 245 21.73 5.19 1.28
N ASP B 246 23.00 4.76 1.27
CA ASP B 246 23.97 5.29 0.33
C ASP B 246 24.47 4.24 -0.67
N ASN B 247 23.76 3.12 -0.74
CA ASN B 247 24.02 2.12 -1.77
C ASN B 247 22.97 2.23 -2.87
N ASN B 248 23.36 2.85 -3.99
CA ASN B 248 22.44 3.18 -5.07
C ASN B 248 21.44 2.07 -5.42
N GLU B 249 21.91 0.83 -5.46
CA GLU B 249 21.02 -0.28 -5.75
C GLU B 249 20.07 -0.57 -4.60
N MET B 250 20.61 -0.66 -3.39
CA MET B 250 19.79 -0.96 -2.20
C MET B 250 18.78 0.14 -1.91
N LYS B 251 19.19 1.40 -2.00
CA LYS B 251 18.33 2.50 -1.58
C LYS B 251 17.04 2.61 -2.39
N GLU B 252 16.99 1.91 -3.52
CA GLU B 252 15.78 1.87 -4.34
C GLU B 252 14.94 0.63 -4.05
N ILE B 253 15.60 -0.43 -3.60
CA ILE B 253 14.92 -1.68 -3.29
C ILE B 253 13.95 -1.59 -2.11
N ALA B 254 14.45 -1.10 -0.97
CA ALA B 254 13.64 -1.03 0.25
C ALA B 254 13.55 0.38 0.80
N LYS B 255 12.34 0.93 0.84
CA LYS B 255 12.13 2.31 1.27
C LYS B 255 11.08 2.41 2.37
N PRO B 256 10.95 3.59 3.00
CA PRO B 256 9.95 3.77 4.06
C PRO B 256 8.56 3.99 3.48
N PRO B 257 7.51 3.63 4.24
CA PRO B 257 6.14 3.94 3.84
C PRO B 257 6.03 5.40 3.43
N ARG B 258 5.22 5.71 2.43
CA ARG B 258 5.06 7.08 1.97
C ARG B 258 4.84 8.04 3.13
N PHE B 259 3.95 7.68 4.06
CA PHE B 259 3.61 8.59 5.16
C PHE B 259 4.80 8.89 6.06
N VAL B 260 5.75 7.97 6.12
CA VAL B 260 6.99 8.20 6.87
C VAL B 260 7.89 9.22 6.18
N GLN B 261 7.97 9.13 4.86
CA GLN B 261 8.78 10.09 4.10
C GLN B 261 8.20 11.49 4.22
N GLU B 262 6.88 11.57 4.28
CA GLU B 262 6.19 12.86 4.35
C GLU B 262 6.38 13.59 5.68
N ILE B 263 6.62 12.84 6.76
CA ILE B 263 6.74 13.43 8.08
C ILE B 263 8.15 13.35 8.67
N SER B 264 9.05 12.64 8.01
CA SER B 264 10.42 12.50 8.49
C SER B 264 11.20 13.81 8.44
N MET B 265 11.64 14.28 9.61
CA MET B 265 12.37 15.54 9.68
C MET B 265 13.68 15.49 8.89
N VAL B 266 14.40 14.38 8.97
CA VAL B 266 15.63 14.23 8.21
C VAL B 266 15.37 14.30 6.71
N ASN B 267 14.25 13.71 6.28
CA ASN B 267 13.86 13.73 4.89
C ASN B 267 13.50 15.14 4.42
N ARG B 268 12.99 15.94 5.35
CA ARG B 268 12.57 17.30 5.06
C ARG B 268 13.78 18.22 4.87
N LEU B 269 14.82 18.00 5.67
CA LEU B 269 16.01 18.84 5.66
C LEU B 269 17.05 18.39 4.64
N TRP B 270 17.10 17.08 4.39
CA TRP B 270 18.01 16.51 3.39
C TRP B 270 17.21 15.78 2.33
N PRO B 271 16.44 16.52 1.52
CA PRO B 271 15.63 15.87 0.48
C PRO B 271 16.51 15.31 -0.63
N TYR B 287 23.34 23.46 2.93
CA TYR B 287 21.93 23.43 2.57
C TYR B 287 21.46 22.09 1.98
N LEU B 288 21.87 20.96 2.57
CA LEU B 288 22.80 20.92 3.69
C LEU B 288 23.86 19.86 3.43
N PRO B 289 25.01 19.95 4.10
CA PRO B 289 26.11 19.00 3.87
C PRO B 289 25.67 17.55 4.07
N GLU B 290 25.94 16.70 3.09
CA GLU B 290 25.53 15.30 3.16
C GLU B 290 26.21 14.56 4.32
N ASP B 291 27.43 14.97 4.65
CA ASP B 291 28.17 14.32 5.72
C ASP B 291 27.60 14.66 7.11
N GLN B 292 26.48 15.37 7.13
CA GLN B 292 25.83 15.74 8.38
C GLN B 292 24.44 15.12 8.52
N ARG B 293 23.98 14.45 7.47
CA ARG B 293 22.71 13.76 7.51
C ARG B 293 22.80 12.50 8.37
N PRO B 294 21.91 12.37 9.36
CA PRO B 294 21.79 11.14 10.14
C PRO B 294 21.38 9.96 9.25
N LYS B 295 22.23 8.94 9.17
CA LYS B 295 21.97 7.75 8.35
C LYS B 295 21.25 6.65 9.13
N VAL B 296 19.95 6.79 9.32
CA VAL B 296 19.22 5.84 10.15
C VAL B 296 17.84 5.42 9.61
N GLU B 297 17.49 5.87 8.41
CA GLU B 297 16.14 5.64 7.91
C GLU B 297 15.99 4.37 7.06
N GLN B 298 17.10 3.76 6.66
CA GLN B 298 17.03 2.54 5.85
C GLN B 298 18.03 1.50 6.29
N PHE B 299 17.58 0.56 7.13
CA PHE B 299 18.48 -0.48 7.60
C PHE B 299 17.98 -1.89 7.30
N CYS B 300 18.92 -2.83 7.29
CA CYS B 300 18.59 -4.23 7.07
C CYS B 300 19.04 -5.03 8.29
N LEU B 301 18.18 -5.94 8.74
CA LEU B 301 18.45 -6.74 9.92
C LEU B 301 18.32 -8.22 9.60
N ALA B 302 19.42 -8.96 9.72
CA ALA B 302 19.37 -10.41 9.63
C ALA B 302 19.61 -11.03 11.00
N GLY B 303 18.79 -12.01 11.35
CA GLY B 303 18.89 -12.61 12.67
C GLY B 303 18.76 -14.12 12.68
N MET B 304 19.45 -14.76 13.62
CA MET B 304 19.40 -16.22 13.73
C MET B 304 18.30 -16.66 14.67
N ALA B 305 17.69 -17.80 14.34
CA ALA B 305 16.70 -18.43 15.20
C ALA B 305 17.30 -18.68 16.58
N GLY B 306 16.71 -18.06 17.60
CA GLY B 306 17.15 -18.24 18.97
C GLY B 306 17.74 -16.99 19.56
N SER B 307 17.74 -15.92 18.77
CA SER B 307 18.34 -14.65 19.16
C SER B 307 17.47 -13.87 20.13
N TYR B 308 18.12 -12.97 20.87
CA TYR B 308 17.42 -12.05 21.76
C TYR B 308 18.11 -10.69 21.78
N THR B 309 17.31 -9.63 21.66
CA THR B 309 17.77 -8.27 21.83
C THR B 309 17.08 -7.69 23.06
N ASP B 310 17.88 -7.22 24.01
CA ASP B 310 17.37 -6.73 25.29
C ASP B 310 16.65 -5.38 25.16
N PHE B 311 15.82 -5.07 26.14
CA PHE B 311 15.00 -3.86 26.14
C PHE B 311 15.80 -2.60 25.83
N HIS B 312 15.21 -1.72 25.03
CA HIS B 312 15.82 -0.43 24.72
C HIS B 312 14.74 0.56 24.27
N VAL B 313 15.07 1.85 24.32
CA VAL B 313 14.24 2.86 23.69
C VAL B 313 15.04 3.43 22.53
N ASP B 314 14.46 3.44 21.33
CA ASP B 314 15.20 3.87 20.15
C ASP B 314 15.81 5.26 20.31
N PHE B 315 17.04 5.39 19.85
CA PHE B 315 17.81 6.61 20.03
C PHE B 315 17.06 7.83 19.52
N GLY B 316 17.17 8.94 20.26
CA GLY B 316 16.54 10.19 19.89
C GLY B 316 15.04 10.17 20.08
N GLY B 317 14.51 9.06 20.60
CA GLY B 317 13.08 8.87 20.68
C GLY B 317 12.49 8.70 19.29
N SER B 318 13.31 8.23 18.35
CA SER B 318 12.88 8.05 16.97
C SER B 318 11.78 7.01 16.86
N SER B 319 10.91 7.21 15.87
CA SER B 319 9.89 6.23 15.54
C SER B 319 10.49 5.17 14.60
N VAL B 320 9.83 4.03 14.50
CA VAL B 320 10.34 2.93 13.69
C VAL B 320 9.28 2.35 12.73
N TYR B 321 9.71 2.01 11.52
CA TYR B 321 8.94 1.09 10.70
C TYR B 321 9.78 -0.15 10.57
N TYR B 322 9.13 -1.30 10.60
CA TYR B 322 9.81 -2.57 10.72
C TYR B 322 9.07 -3.62 9.88
N HIS B 323 9.67 -4.04 8.78
CA HIS B 323 9.00 -4.97 7.88
C HIS B 323 9.69 -6.33 7.81
N ILE B 324 8.91 -7.39 8.05
CA ILE B 324 9.46 -8.74 8.08
C ILE B 324 9.43 -9.38 6.70
N LEU B 325 10.59 -9.40 6.05
CA LEU B 325 10.71 -9.97 4.71
C LEU B 325 10.72 -11.50 4.78
N LYS B 326 11.54 -12.02 5.69
CA LYS B 326 11.61 -13.45 5.98
C LYS B 326 11.65 -13.68 7.47
N GLY B 327 11.01 -14.74 7.94
CA GLY B 327 11.09 -15.13 9.33
C GLY B 327 9.97 -14.61 10.19
N GLU B 328 10.28 -14.34 11.46
CA GLU B 328 9.28 -13.94 12.43
C GLU B 328 9.93 -13.34 13.68
N LYS B 329 9.28 -12.38 14.31
CA LYS B 329 9.79 -11.77 15.53
C LYS B 329 8.69 -11.67 16.57
N ILE B 330 9.09 -11.71 17.83
CA ILE B 330 8.17 -11.45 18.94
C ILE B 330 8.68 -10.24 19.70
N PHE B 331 7.89 -9.17 19.72
CA PHE B 331 8.26 -7.96 20.42
C PHE B 331 7.66 -7.95 21.81
N TYR B 332 8.47 -7.56 22.79
CA TYR B 332 7.98 -7.35 24.15
C TYR B 332 8.09 -5.86 24.41
N ILE B 333 6.92 -5.21 24.54
CA ILE B 333 6.84 -3.76 24.52
C ILE B 333 6.18 -3.15 25.76
N ALA B 334 6.50 -1.89 26.03
CA ALA B 334 5.96 -1.18 27.19
C ALA B 334 5.73 0.29 26.86
N ALA B 335 4.52 0.77 27.15
CA ALA B 335 4.15 2.15 26.87
C ALA B 335 5.17 3.14 27.42
N PRO B 336 5.30 4.30 26.76
CA PRO B 336 6.21 5.38 27.13
C PRO B 336 5.70 6.28 28.27
N THR B 337 5.30 5.70 29.39
CA THR B 337 4.88 6.51 30.53
C THR B 337 6.09 6.96 31.35
N GLU B 338 5.89 7.98 32.17
CA GLU B 338 6.95 8.47 33.06
C GLU B 338 7.44 7.40 34.04
N GLN B 339 6.53 6.60 34.58
CA GLN B 339 6.94 5.53 35.47
C GLN B 339 7.75 4.45 34.76
N ASN B 340 7.24 3.97 33.62
CA ASN B 340 7.97 2.98 32.83
C ASN B 340 9.36 3.45 32.44
N PHE B 341 9.49 4.74 32.16
CA PHE B 341 10.80 5.35 31.93
C PHE B 341 11.65 5.25 33.19
N ALA B 342 11.11 5.68 34.32
CA ALA B 342 11.77 5.58 35.61
C ALA B 342 12.32 4.18 35.83
N ALA B 343 11.46 3.18 35.68
CA ALA B 343 11.84 1.79 35.84
C ALA B 343 12.92 1.41 34.85
N TYR B 344 12.82 1.95 33.63
CA TYR B 344 13.77 1.60 32.59
C TYR B 344 15.15 2.15 32.90
N GLN B 345 15.21 3.42 33.30
CA GLN B 345 16.48 4.03 33.70
C GLN B 345 17.13 3.20 34.80
N ALA B 346 16.33 2.76 35.77
CA ALA B 346 16.82 1.92 36.84
C ALA B 346 17.46 0.66 36.29
N HIS B 347 16.71 -0.06 35.45
CA HIS B 347 17.18 -1.30 34.84
C HIS B 347 18.50 -1.11 34.09
N GLU B 348 18.62 0.01 33.38
CA GLU B 348 19.82 0.30 32.60
C GLU B 348 21.03 0.60 33.48
N THR B 349 20.88 1.59 34.36
CA THR B 349 21.97 2.02 35.21
C THR B 349 22.40 0.98 36.24
N SER B 350 21.51 0.03 36.53
CA SER B 350 21.81 -1.05 37.46
C SER B 350 22.87 -2.02 36.92
N PRO B 351 23.70 -2.57 37.82
CA PRO B 351 24.74 -3.54 37.47
C PRO B 351 24.18 -4.96 37.36
N ASP B 352 22.96 -5.16 37.84
CA ASP B 352 22.34 -6.47 37.78
C ASP B 352 22.12 -6.91 36.32
N THR B 353 22.60 -8.09 35.99
CA THR B 353 22.42 -8.62 34.64
C THR B 353 21.62 -9.91 34.66
N THR B 354 20.92 -10.17 35.76
CA THR B 354 20.23 -11.44 35.92
C THR B 354 18.71 -11.28 35.88
N THR B 355 18.24 -10.06 36.07
CA THR B 355 16.80 -9.80 36.11
C THR B 355 16.24 -9.26 34.79
N TRP B 356 15.23 -9.94 34.28
CA TRP B 356 14.56 -9.51 33.06
C TRP B 356 13.64 -8.33 33.36
N PHE B 357 13.88 -7.22 32.66
CA PHE B 357 13.16 -5.98 32.94
C PHE B 357 11.64 -6.15 33.01
N GLY B 358 11.12 -7.09 32.23
CA GLY B 358 9.69 -7.32 32.21
C GLY B 358 9.15 -7.84 33.53
N ASP B 359 10.01 -8.54 34.26
CA ASP B 359 9.62 -9.16 35.52
C ASP B 359 9.57 -8.16 36.66
N ILE B 360 10.25 -7.03 36.49
CA ILE B 360 10.17 -5.97 37.48
C ILE B 360 9.51 -4.71 36.91
N ALA B 361 8.76 -4.88 35.83
CA ALA B 361 8.12 -3.74 35.16
C ALA B 361 6.66 -3.54 35.53
N ASN B 362 6.23 -4.16 36.63
CA ASN B 362 4.88 -3.96 37.15
C ASN B 362 3.79 -4.30 36.13
N GLY B 363 4.10 -5.23 35.24
CA GLY B 363 3.11 -5.73 34.30
C GLY B 363 2.88 -4.88 33.07
N ALA B 364 3.81 -3.96 32.79
CA ALA B 364 3.68 -3.05 31.66
C ALA B 364 4.07 -3.69 30.34
N VAL B 365 4.88 -4.74 30.41
CA VAL B 365 5.42 -5.38 29.22
C VAL B 365 4.42 -6.33 28.56
N LYS B 366 4.03 -6.02 27.32
CA LYS B 366 3.10 -6.84 26.57
C LYS B 366 3.81 -7.62 25.46
N ARG B 367 3.14 -8.63 24.92
CA ARG B 367 3.74 -9.47 23.90
C ARG B 367 3.03 -9.28 22.56
N VAL B 368 3.80 -9.12 21.50
CA VAL B 368 3.22 -8.99 20.16
C VAL B 368 4.02 -9.76 19.11
N VAL B 369 3.33 -10.61 18.35
CA VAL B 369 3.99 -11.44 17.35
C VAL B 369 3.87 -10.84 15.95
N ILE B 370 5.01 -10.72 15.27
CA ILE B 370 5.02 -10.19 13.92
C ILE B 370 5.53 -11.26 12.96
N LYS B 371 4.65 -11.71 12.07
CA LYS B 371 4.97 -12.79 11.15
C LYS B 371 5.49 -12.28 9.81
N GLU B 372 5.85 -13.23 8.94
CA GLU B 372 6.40 -12.92 7.64
C GLU B 372 5.44 -12.07 6.81
N GLY B 373 5.95 -11.00 6.22
CA GLY B 373 5.13 -10.11 5.41
C GLY B 373 4.41 -9.05 6.23
N GLN B 374 4.49 -9.16 7.54
CA GLN B 374 3.81 -8.21 8.40
C GLN B 374 4.71 -7.02 8.75
N THR B 375 4.09 -5.89 9.07
CA THR B 375 4.82 -4.66 9.31
C THR B 375 4.50 -4.08 10.69
N LEU B 376 5.51 -3.49 11.31
CA LEU B 376 5.36 -2.86 12.61
C LEU B 376 5.66 -1.37 12.50
N LEU B 377 4.78 -0.56 13.07
CA LEU B 377 4.98 0.88 13.09
C LEU B 377 4.96 1.38 14.54
N ILE B 378 6.10 1.86 15.01
CA ILE B 378 6.26 2.21 16.42
C ILE B 378 6.55 3.70 16.60
N PRO B 379 5.66 4.40 17.30
CA PRO B 379 5.85 5.83 17.59
C PRO B 379 6.98 6.04 18.61
N ALA B 380 7.16 7.26 19.05
CA ALA B 380 8.30 7.62 19.90
C ALA B 380 8.16 7.11 21.34
N GLY B 381 9.25 6.57 21.88
CA GLY B 381 9.34 6.31 23.30
C GLY B 381 9.08 4.89 23.78
N TRP B 382 8.49 4.06 22.93
CA TRP B 382 8.16 2.70 23.34
C TRP B 382 9.39 1.88 23.73
N ILE B 383 9.29 1.20 24.87
CA ILE B 383 10.36 0.33 25.36
C ILE B 383 10.12 -1.08 24.84
N HIS B 384 11.15 -1.70 24.28
CA HIS B 384 10.94 -3.01 23.66
C HIS B 384 12.17 -3.90 23.56
N ALA B 385 11.93 -5.20 23.70
CA ALA B 385 12.94 -6.22 23.45
C ALA B 385 12.41 -7.10 22.32
N VAL B 386 13.30 -7.86 21.69
CA VAL B 386 12.89 -8.68 20.57
C VAL B 386 13.41 -10.12 20.67
N LEU B 387 12.52 -11.07 20.43
CA LEU B 387 12.90 -12.48 20.36
C LEU B 387 12.79 -12.95 18.91
N THR B 388 13.87 -13.57 18.42
CA THR B 388 13.89 -14.02 17.03
C THR B 388 13.78 -15.54 16.96
N PRO B 389 12.55 -16.05 16.88
CA PRO B 389 12.28 -17.50 16.88
C PRO B 389 12.85 -18.18 15.64
N VAL B 390 12.59 -17.61 14.47
CA VAL B 390 13.02 -18.18 13.20
C VAL B 390 14.09 -17.32 12.55
N ASP B 391 14.97 -17.93 11.77
CA ASP B 391 15.93 -17.17 10.98
C ASP B 391 15.18 -16.07 10.26
N SER B 392 15.66 -14.84 10.35
CA SER B 392 14.87 -13.70 9.89
C SER B 392 15.66 -12.67 9.08
N LEU B 393 14.94 -11.99 8.19
CA LEU B 393 15.47 -10.87 7.44
C LEU B 393 14.46 -9.73 7.53
N VAL B 394 14.92 -8.56 7.94
CA VAL B 394 14.02 -7.44 8.16
C VAL B 394 14.54 -6.16 7.52
N PHE B 395 13.63 -5.33 7.03
CA PHE B 395 13.97 -3.98 6.59
C PHE B 395 13.20 -2.96 7.41
N GLY B 396 13.91 -1.95 7.90
CA GLY B 396 13.27 -0.93 8.72
C GLY B 396 14.00 0.39 8.69
N GLY B 397 13.55 1.32 9.53
CA GLY B 397 14.19 2.62 9.65
C GLY B 397 13.71 3.44 10.83
N ASN B 398 14.57 4.35 11.27
CA ASN B 398 14.25 5.25 12.37
C ASN B 398 14.10 6.67 11.86
N PHE B 399 13.10 7.38 12.37
CA PHE B 399 12.85 8.74 11.91
C PHE B 399 12.29 9.64 13.01
N LEU B 400 12.53 10.93 12.90
CA LEU B 400 11.96 11.92 13.80
C LEU B 400 10.87 12.71 13.09
N HIS B 401 9.80 13.04 13.80
CA HIS B 401 8.72 13.81 13.21
C HIS B 401 8.07 14.75 14.23
N LEU B 402 7.54 15.87 13.75
CA LEU B 402 6.96 16.91 14.61
C LEU B 402 5.83 16.44 15.53
N GLY B 403 5.07 15.46 15.07
CA GLY B 403 3.95 14.93 15.84
C GLY B 403 4.39 14.22 17.10
N ASN B 404 5.65 13.82 17.14
CA ASN B 404 6.22 13.23 18.35
C ASN B 404 7.33 14.08 18.97
N LEU B 405 7.30 15.38 18.72
CA LEU B 405 8.33 16.30 19.21
C LEU B 405 8.52 16.23 20.73
N GLU B 406 7.42 16.40 21.46
CA GLU B 406 7.47 16.33 22.92
C GLU B 406 8.12 15.05 23.42
N MET B 407 7.64 13.92 22.93
CA MET B 407 8.14 12.63 23.40
C MET B 407 9.60 12.44 23.02
N GLN B 408 9.99 12.98 21.87
CA GLN B 408 11.38 12.87 21.44
C GLN B 408 12.30 13.56 22.44
N MET B 409 11.94 14.76 22.86
CA MET B 409 12.72 15.49 23.85
C MET B 409 12.77 14.74 25.18
N ARG B 410 11.63 14.19 25.59
CA ARG B 410 11.55 13.41 26.83
C ARG B 410 12.52 12.23 26.82
N VAL B 411 12.57 11.52 25.70
CA VAL B 411 13.52 10.42 25.55
C VAL B 411 14.96 10.96 25.56
N TYR B 412 15.15 12.14 24.98
CA TYR B 412 16.46 12.77 24.98
C TYR B 412 16.92 13.08 26.41
N HIS B 413 15.97 13.47 27.26
CA HIS B 413 16.29 13.76 28.65
C HIS B 413 16.67 12.48 29.35
N LEU B 414 15.88 11.45 29.12
CA LEU B 414 16.17 10.12 29.66
C LEU B 414 17.56 9.67 29.26
N GLU B 415 17.84 9.70 27.95
CA GLU B 415 19.13 9.26 27.44
C GLU B 415 20.29 9.96 28.13
N ASN B 416 20.18 11.28 28.26
CA ASN B 416 21.22 12.09 28.87
C ASN B 416 21.42 11.77 30.35
N ALA B 417 20.32 11.49 31.05
CA ALA B 417 20.39 11.03 32.42
C ALA B 417 21.20 9.75 32.52
N ILE B 418 20.83 8.76 31.71
CA ILE B 418 21.50 7.47 31.70
C ILE B 418 22.97 7.60 31.33
N ARG B 419 23.27 8.40 30.32
CA ARG B 419 24.64 8.55 29.84
C ARG B 419 25.57 9.10 30.92
N LYS B 420 25.02 9.88 31.85
CA LYS B 420 25.82 10.43 32.95
C LYS B 420 26.02 9.43 34.09
N GLU B 421 25.14 8.43 34.15
CA GLU B 421 25.10 7.51 35.29
C GLU B 421 26.05 6.33 35.10
N ILE B 422 26.12 5.83 33.87
CA ILE B 422 27.03 4.71 33.56
C ILE B 422 27.90 5.05 32.36
N ARG B 423 29.18 4.71 32.45
CA ARG B 423 30.12 4.97 31.37
C ARG B 423 29.86 4.07 30.17
N SER B 424 28.76 4.33 29.47
CA SER B 424 28.42 3.58 28.27
C SER B 424 29.43 3.86 27.16
N GLU B 425 29.29 5.01 26.51
CA GLU B 425 30.17 5.40 25.41
C GLU B 425 29.98 4.49 24.19
N GLU B 426 29.59 3.25 24.46
CA GLU B 426 29.33 2.26 23.40
C GLU B 426 27.88 2.30 22.96
N LYS B 427 26.99 2.70 23.87
CA LYS B 427 25.61 2.98 23.50
C LYS B 427 25.59 4.03 22.39
N PHE B 428 24.83 3.76 21.33
CA PHE B 428 24.73 4.68 20.20
C PHE B 428 23.49 5.56 20.34
N TYR B 429 23.68 6.86 20.15
CA TYR B 429 22.59 7.82 20.25
C TYR B 429 22.35 8.54 18.91
N PHE B 430 21.20 9.21 18.78
CA PHE B 430 20.82 9.79 17.50
C PHE B 430 21.83 10.82 17.01
N PRO B 431 22.48 10.52 15.88
CA PRO B 431 23.56 11.35 15.32
C PRO B 431 23.10 12.78 15.04
N ASN B 432 23.88 13.75 15.50
CA ASN B 432 23.59 15.17 15.25
C ASN B 432 22.17 15.57 15.63
N PHE B 433 21.69 15.03 16.75
CA PHE B 433 20.34 15.32 17.21
C PHE B 433 20.09 16.83 17.28
N GLU B 434 20.94 17.54 18.02
CA GLU B 434 20.78 18.99 18.21
C GLU B 434 21.00 19.78 16.91
N LEU B 435 22.04 19.44 16.17
CA LEU B 435 22.29 20.12 14.90
C LEU B 435 21.02 20.09 14.06
N LEU B 436 20.43 18.90 13.96
CA LEU B 436 19.20 18.70 13.19
C LEU B 436 18.07 19.64 13.60
N HIS B 437 17.94 19.90 14.90
CA HIS B 437 16.90 20.78 15.39
C HIS B 437 17.21 22.26 15.15
N TRP B 438 18.50 22.60 15.13
CA TRP B 438 18.91 23.96 14.77
C TRP B 438 18.56 24.19 13.31
N MET B 439 18.94 23.25 12.45
CA MET B 439 18.62 23.32 11.03
C MET B 439 17.11 23.37 10.80
N TYR B 440 16.38 22.50 11.47
CA TYR B 440 14.93 22.50 11.29
C TYR B 440 14.33 23.85 11.70
N MET B 441 14.60 24.27 12.93
CA MET B 441 14.09 25.55 13.41
C MET B 441 14.41 26.67 12.43
N ARG B 442 15.61 26.65 11.87
CA ARG B 442 16.07 27.73 10.99
C ARG B 442 15.48 27.66 9.59
N ASN B 443 15.56 26.48 8.96
CA ASN B 443 15.16 26.33 7.56
C ASN B 443 13.66 26.13 7.36
N VAL B 444 12.95 25.76 8.42
CA VAL B 444 11.54 25.42 8.30
C VAL B 444 10.63 26.29 9.17
N LEU B 445 10.61 26.01 10.47
CA LEU B 445 9.74 26.72 11.40
C LEU B 445 9.88 28.24 11.32
N LEU B 446 11.10 28.73 11.52
CA LEU B 446 11.36 30.17 11.53
C LEU B 446 10.73 30.85 10.32
N GLU B 447 10.94 30.26 9.15
CA GLU B 447 10.45 30.82 7.90
C GLU B 447 8.92 30.82 7.82
N LYS B 448 8.30 29.76 8.33
CA LYS B 448 6.85 29.70 8.41
C LYS B 448 6.32 30.84 9.27
N ILE B 449 6.98 31.06 10.41
CA ILE B 449 6.56 32.07 11.35
C ILE B 449 6.75 33.47 10.78
N THR B 450 7.90 33.71 10.15
CA THR B 450 8.17 34.99 9.53
C THR B 450 7.14 35.31 8.44
N GLU B 451 6.92 34.35 7.55
CA GLU B 451 5.92 34.51 6.49
C GLU B 451 4.58 34.92 7.06
N ALA B 452 4.12 34.18 8.07
CA ALA B 452 2.87 34.49 8.72
C ALA B 452 2.90 35.89 9.33
N ASN B 453 4.04 36.24 9.94
CA ASN B 453 4.19 37.56 10.54
C ASN B 453 4.12 38.69 9.53
N GLN B 454 4.62 38.43 8.32
CA GLN B 454 4.68 39.47 7.29
C GLN B 454 3.31 39.86 6.74
N GLU B 455 2.43 38.89 6.54
CA GLU B 455 1.09 39.22 6.08
C GLU B 455 0.08 39.21 7.24
N GLY B 456 0.59 39.31 8.46
CA GLY B 456 -0.23 39.45 9.65
C GLY B 456 -1.19 38.30 9.91
N SER B 457 -0.76 37.07 9.61
CA SER B 457 -1.60 35.90 9.86
C SER B 457 -1.46 35.39 11.28
N ASP B 458 -2.60 35.06 11.88
CA ASP B 458 -2.65 34.40 13.18
C ASP B 458 -2.47 32.91 12.93
N MET B 459 -1.27 32.40 13.21
CA MET B 459 -0.92 31.01 12.86
C MET B 459 -1.84 29.94 13.45
N ARG B 460 -2.71 30.28 14.39
CA ARG B 460 -3.61 29.28 14.96
C ARG B 460 -4.73 28.88 14.01
N GLU B 461 -5.02 29.73 13.02
CA GLU B 461 -6.12 29.48 12.10
C GLU B 461 -5.84 28.26 11.25
N GLN B 462 -4.65 28.19 10.67
CA GLN B 462 -4.35 27.16 9.69
C GLN B 462 -3.00 26.49 9.91
N GLU B 463 -2.19 27.03 10.83
CA GLU B 463 -0.88 26.47 11.10
C GLU B 463 -0.65 26.29 12.59
N LYS B 464 -1.70 25.91 13.31
CA LYS B 464 -1.56 25.74 14.75
C LYS B 464 -0.46 24.74 15.06
N ASN B 465 -0.54 23.57 14.44
CA ASN B 465 0.45 22.52 14.64
C ASN B 465 1.90 22.99 14.46
N ILE B 466 2.13 23.88 13.50
CA ILE B 466 3.45 24.46 13.28
C ILE B 466 3.83 25.42 14.42
N TRP B 467 2.86 26.22 14.84
CA TRP B 467 3.08 27.20 15.91
C TRP B 467 3.44 26.52 17.23
N THR B 468 2.59 25.61 17.70
CA THR B 468 2.84 24.98 18.99
C THR B 468 4.11 24.13 18.94
N ALA B 469 4.44 23.59 17.77
CA ALA B 469 5.68 22.84 17.63
C ALA B 469 6.89 23.76 17.77
N SER B 470 6.77 24.99 17.26
CA SER B 470 7.84 25.97 17.36
C SER B 470 8.12 26.37 18.81
N GLN B 471 7.06 26.53 19.59
CA GLN B 471 7.19 26.89 21.00
C GLN B 471 7.88 25.79 21.79
N ILE B 472 7.48 24.53 21.55
CA ILE B 472 8.07 23.42 22.29
C ILE B 472 9.54 23.26 21.92
N MET B 473 9.84 23.30 20.62
CA MET B 473 11.21 23.14 20.16
C MET B 473 12.10 24.27 20.65
N LYS B 474 11.54 25.49 20.69
CA LYS B 474 12.29 26.65 21.17
C LYS B 474 12.63 26.51 22.66
N ALA B 475 11.66 26.04 23.44
CA ALA B 475 11.89 25.87 24.87
C ALA B 475 13.04 24.90 25.12
N GLU B 476 13.05 23.77 24.42
CA GLU B 476 14.14 22.81 24.58
C GLU B 476 15.47 23.42 24.14
N MET B 477 15.47 24.11 23.01
CA MET B 477 16.69 24.72 22.50
C MET B 477 17.23 25.84 23.41
N GLU B 478 16.34 26.48 24.17
CA GLU B 478 16.76 27.46 25.16
C GLU B 478 17.61 26.75 26.21
N ARG B 479 17.08 25.67 26.75
CA ARG B 479 17.81 24.86 27.72
C ARG B 479 19.14 24.40 27.15
N TRP B 480 19.22 24.26 25.82
CA TRP B 480 20.49 23.91 25.19
C TRP B 480 21.46 25.09 25.20
N MET B 481 20.95 26.28 24.88
CA MET B 481 21.77 27.48 24.85
C MET B 481 22.31 27.79 26.25
N ASP B 482 21.44 27.74 27.25
CA ASP B 482 21.82 27.99 28.62
C ASP B 482 22.91 27.01 29.07
N ARG B 483 22.76 25.75 28.67
CA ARG B 483 23.74 24.73 29.04
C ARG B 483 25.09 25.03 28.39
N GLU B 484 25.06 25.57 27.18
CA GLU B 484 26.27 25.84 26.43
C GLU B 484 27.04 27.05 26.97
N LEU B 485 26.32 28.03 27.49
CA LEU B 485 26.94 29.25 28.00
C LEU B 485 27.52 29.06 29.40
N ARG B 486 27.01 28.06 30.12
CA ARG B 486 27.50 27.77 31.47
C ARG B 486 28.60 26.71 31.48
N LEU B 487 28.54 25.78 30.53
CA LEU B 487 29.47 24.65 30.54
C LEU B 487 30.32 24.55 29.28
N GLY B 488 30.06 25.42 28.31
CA GLY B 488 30.75 25.36 27.04
C GLY B 488 30.09 24.36 26.10
N PRO B 489 30.45 24.42 24.81
CA PRO B 489 29.87 23.57 23.77
C PRO B 489 30.25 22.10 23.90
N GLU B 490 29.30 21.22 23.60
CA GLU B 490 29.56 19.78 23.50
C GLU B 490 30.80 19.53 22.64
N LYS B 491 31.46 18.40 22.88
CA LYS B 491 32.63 18.03 22.08
C LYS B 491 32.25 17.95 20.61
N ASN B 492 31.09 17.40 20.34
CA ASN B 492 30.59 17.21 19.00
C ASN B 492 30.24 18.50 18.30
N ALA B 493 29.08 19.04 18.60
CA ALA B 493 28.70 20.32 18.06
C ALA B 493 28.72 20.15 16.55
N ILE B 494 29.52 20.94 15.87
CA ILE B 494 29.38 21.22 14.46
C ILE B 494 28.76 22.55 14.14
N LEU B 495 27.97 23.08 15.04
CA LEU B 495 27.42 24.40 14.89
C LEU B 495 27.99 25.31 15.91
N PRO B 496 28.58 26.39 15.42
CA PRO B 496 29.24 27.38 16.28
C PRO B 496 28.27 28.06 17.23
N THR B 497 28.70 28.27 18.48
CA THR B 497 27.87 28.95 19.47
C THR B 497 27.38 30.29 18.95
N ASP B 498 28.15 30.89 18.05
CA ASP B 498 27.77 32.15 17.43
C ASP B 498 26.50 31.97 16.59
N ASP B 499 26.58 31.12 15.59
CA ASP B 499 25.44 30.86 14.71
C ASP B 499 24.20 30.44 15.49
N LYS B 500 24.39 29.58 16.48
CA LYS B 500 23.28 29.15 17.32
C LYS B 500 22.58 30.36 17.92
N ASN B 501 23.36 31.22 18.58
CA ASN B 501 22.79 32.40 19.23
C ASN B 501 22.17 33.37 18.23
N LYS B 502 22.72 33.40 17.01
CA LYS B 502 22.17 34.24 15.94
C LYS B 502 20.91 33.62 15.34
N ILE B 503 20.63 32.39 15.73
CA ILE B 503 19.41 31.71 15.32
C ILE B 503 18.37 31.86 16.41
N MET B 504 18.80 31.71 17.65
CA MET B 504 17.90 31.78 18.80
C MET B 504 17.36 33.18 19.03
N ILE B 505 17.82 34.14 18.25
CA ILE B 505 17.40 35.53 18.43
C ILE B 505 16.48 35.99 17.30
N SER B 506 16.76 35.53 16.10
CA SER B 506 15.83 35.72 14.98
C SER B 506 14.53 34.98 15.32
N VAL B 507 14.66 33.96 16.15
CA VAL B 507 13.51 33.16 16.60
C VAL B 507 12.72 33.85 17.70
N ARG B 508 13.42 34.34 18.70
CA ARG B 508 12.80 35.09 19.80
C ARG B 508 11.95 36.22 19.25
N LYS B 509 12.51 36.92 18.27
CA LYS B 509 11.85 38.07 17.67
C LYS B 509 10.53 37.67 17.00
N GLN B 510 10.61 36.75 16.05
CA GLN B 510 9.46 36.34 15.26
C GLN B 510 8.34 35.72 16.10
N ILE B 511 8.71 34.91 17.09
CA ILE B 511 7.73 34.33 17.98
C ILE B 511 7.04 35.41 18.81
N GLU B 512 7.82 36.40 19.23
CA GLU B 512 7.28 37.54 19.98
C GLU B 512 6.32 38.36 19.13
N ILE B 513 6.67 38.58 17.87
CA ILE B 513 5.81 39.30 16.94
C ILE B 513 4.51 38.56 16.72
N GLN B 514 4.61 37.31 16.28
CA GLN B 514 3.44 36.46 16.05
C GLN B 514 2.54 36.43 17.28
N THR B 515 3.15 36.44 18.46
CA THR B 515 2.40 36.45 19.72
C THR B 515 1.53 37.70 19.84
N LYS B 516 2.04 38.82 19.33
CA LYS B 516 1.29 40.07 19.37
C LYS B 516 0.13 40.05 18.39
N ILE B 517 0.37 39.51 17.20
CA ILE B 517 -0.67 39.38 16.19
C ILE B 517 -1.86 38.63 16.76
N GLN B 518 -1.57 37.52 17.45
CA GLN B 518 -2.62 36.71 18.05
C GLN B 518 -3.36 37.49 19.13
N ASN B 519 -2.63 38.31 19.88
CA ASN B 519 -3.23 39.14 20.91
C ASN B 519 -4.00 40.33 20.35
N ALA B 520 -3.74 40.67 19.09
CA ALA B 520 -4.46 41.75 18.44
C ALA B 520 -5.95 41.46 18.42
N LYS B 521 -6.29 40.19 18.27
CA LYS B 521 -7.68 39.77 18.27
C LYS B 521 -8.25 39.72 19.69
N ASN B 522 -7.40 40.03 20.68
CA ASN B 522 -7.83 40.25 22.06
C ASN B 522 -8.57 41.58 22.19
N LYS B 523 -9.85 41.51 22.54
CA LYS B 523 -10.67 42.72 22.62
C LYS B 523 -11.68 42.62 23.76
FE FE2 C . -13.57 1.72 -18.19
ZN ZN D . -49.61 8.89 -10.21
ZN ZN E . -51.85 19.95 -18.66
FE FE2 F . 14.66 -1.06 18.43
ZN ZN G . 51.31 -7.05 12.72
ZN ZN H . 51.47 -21.16 12.77
#